data_3FWN
#
_entry.id   3FWN
#
_cell.length_a   68.332
_cell.length_b   117.952
_cell.length_c   119.616
_cell.angle_alpha   90.00
_cell.angle_beta   90.00
_cell.angle_gamma   90.00
#
_symmetry.space_group_name_H-M   'P 21 21 21'
#
loop_
_entity.id
_entity.type
_entity.pdbx_description
1 polymer '6-phosphogluconate dehydrogenase, decarboxylating'
2 non-polymer '6-PHOSPHOGLUCONIC ACID'
3 non-polymer "2'-MONOPHOSPHOADENOSINE-5'-DIPHOSPHATE"
4 water water
#
_entity_poly.entity_id   1
_entity_poly.type   'polypeptide(L)'
_entity_poly.pdbx_seq_one_letter_code
;MGHHHHHHHHHHMSKQQIGVVGMAVMGRNLALNIESRGYTVSIFNRSREKTEEVIAENPGKKLVPYYTVKEFVESLETPR
RILLMVKAGAGTDAAIDSLKPYLDKGDIIIDGGNTFFQDTIRRNRELSAEGFNFIGTGVSGGEEGALKGPSIMPGGQKEA
YELVAPILTKIAAVAEDGEPCVTYIGADGAGHYVKMVHNGIEYGDMQLIAEAYSLLKGGLNLTNEELAQTFTEWNNGELS
SYLIDITKDIFTKKDEDGNYLVDVILDEAANKGTGKWTSQSALDLGEPLSLITESVFARYISSLKDQRVAASKVLSGPQA
QPAGDKAEFIEKVRRALYLGKIVSYAQGFSQLRAASEEYNWDLNYGEIAKIFRAGCIIRAQFLQKITDAYAENPQIANLL
LAPYFKQIADDYQQALRDVVAYAVQIGIPVPTFSAAVAYYDSYRAAVLPANLIQAQRDYFGAHTYKRIDKEGVFHTEWLD
;
_entity_poly.pdbx_strand_id   A,B
#
loop_
_chem_comp.id
_chem_comp.type
_chem_comp.name
_chem_comp.formula
6PG D-saccharide '6-PHOSPHOGLUCONIC ACID' 'C6 H13 O10 P'
ATR non-polymer 2'-MONOPHOSPHOADENOSINE-5'-DIPHOSPHATE 'C10 H16 N5 O13 P3'
#
# COMPACT_ATOMS: atom_id res chain seq x y z
N SER A 14 4.87 9.95 -50.98
CA SER A 14 3.43 10.08 -50.59
C SER A 14 3.21 9.99 -49.05
N LYS A 15 2.40 9.04 -48.60
CA LYS A 15 2.10 8.95 -47.17
C LYS A 15 2.20 7.59 -46.48
N GLN A 16 2.61 7.64 -45.21
CA GLN A 16 2.78 6.46 -44.39
C GLN A 16 1.50 6.15 -43.58
N GLN A 17 1.29 4.87 -43.28
CA GLN A 17 0.12 4.51 -42.52
C GLN A 17 0.28 4.84 -41.05
N ILE A 18 1.52 5.07 -40.63
CA ILE A 18 1.77 5.36 -39.22
C ILE A 18 3.11 6.06 -39.02
N GLY A 19 3.19 6.86 -37.97
CA GLY A 19 4.44 7.54 -37.65
C GLY A 19 4.74 7.31 -36.17
N VAL A 20 6.02 7.40 -35.81
CA VAL A 20 6.48 7.21 -34.42
C VAL A 20 7.25 8.48 -33.96
N VAL A 21 6.79 9.09 -32.87
CA VAL A 21 7.42 10.26 -32.25
C VAL A 21 8.20 9.76 -31.02
N GLY A 22 9.50 10.06 -30.94
CA GLY A 22 10.33 9.62 -29.82
C GLY A 22 11.30 8.59 -30.34
N MET A 23 12.53 9.01 -30.66
CA MET A 23 13.48 8.06 -31.23
C MET A 23 14.51 7.49 -30.24
N ALA A 24 14.15 7.51 -28.96
CA ALA A 24 15.04 6.93 -27.98
C ALA A 24 14.93 5.43 -28.26
N VAL A 25 15.55 4.59 -27.45
CA VAL A 25 15.56 3.17 -27.75
C VAL A 25 14.21 2.51 -27.98
N MET A 26 13.24 2.80 -27.09
CA MET A 26 11.91 2.19 -27.22
C MET A 26 11.14 2.60 -28.49
N GLY A 27 11.05 3.90 -28.76
CA GLY A 27 10.35 4.35 -29.96
C GLY A 27 11.07 3.93 -31.24
N ARG A 28 12.37 4.13 -31.29
CA ARG A 28 13.07 3.73 -32.49
C ARG A 28 12.93 2.22 -32.72
N ASN A 29 13.03 1.43 -31.67
CA ASN A 29 12.90 -0.03 -31.83
C ASN A 29 11.48 -0.44 -32.28
N LEU A 30 10.48 0.32 -31.84
CA LEU A 30 9.07 0.03 -32.20
C LEU A 30 8.91 0.36 -33.67
N ALA A 31 9.52 1.48 -34.07
CA ALA A 31 9.46 1.89 -35.50
C ALA A 31 10.15 0.84 -36.36
N LEU A 32 11.27 0.30 -35.88
CA LEU A 32 11.93 -0.74 -36.65
C LEU A 32 11.13 -2.03 -36.72
N ASN A 33 10.37 -2.34 -35.66
CA ASN A 33 9.57 -3.56 -35.63
C ASN A 33 8.51 -3.40 -36.74
N ILE A 34 7.87 -2.25 -36.72
CA ILE A 34 6.84 -1.92 -37.70
C ILE A 34 7.38 -1.98 -39.15
N GLU A 35 8.56 -1.38 -39.39
CA GLU A 35 9.23 -1.39 -40.71
C GLU A 35 9.53 -2.84 -41.16
N SER A 36 9.96 -3.67 -40.21
CA SER A 36 10.28 -5.05 -40.53
C SER A 36 9.06 -5.85 -40.96
N ARG A 37 7.87 -5.29 -40.72
CA ARG A 37 6.66 -5.99 -41.10
C ARG A 37 6.22 -5.63 -42.52
N GLY A 38 6.98 -4.72 -43.13
CA GLY A 38 6.70 -4.31 -44.49
C GLY A 38 6.17 -2.89 -44.61
N TYR A 39 6.00 -2.20 -43.49
CA TYR A 39 5.46 -0.84 -43.51
C TYR A 39 6.55 0.18 -43.68
N THR A 40 6.16 1.31 -44.25
CA THR A 40 7.03 2.43 -44.41
C THR A 40 6.59 3.26 -43.22
N VAL A 41 7.53 3.64 -42.37
CA VAL A 41 7.22 4.38 -41.15
C VAL A 41 7.81 5.77 -41.11
N SER A 42 6.99 6.76 -40.78
CA SER A 42 7.50 8.12 -40.64
C SER A 42 8.04 8.22 -39.21
N ILE A 43 9.12 8.98 -39.02
CA ILE A 43 9.65 9.17 -37.65
C ILE A 43 9.98 10.62 -37.39
N PHE A 44 9.89 11.01 -36.13
CA PHE A 44 10.19 12.35 -35.71
C PHE A 44 10.62 12.32 -34.24
N ASN A 45 11.55 13.21 -33.88
CA ASN A 45 12.05 13.35 -32.51
C ASN A 45 12.27 14.84 -32.25
N ARG A 46 12.07 15.26 -31.00
CA ARG A 46 12.24 16.67 -30.65
C ARG A 46 13.65 17.17 -30.97
N SER A 47 14.64 16.31 -30.76
CA SER A 47 16.05 16.61 -31.03
C SER A 47 16.46 15.89 -32.31
N ARG A 48 16.53 16.64 -33.42
CA ARG A 48 16.84 16.07 -34.73
C ARG A 48 18.02 15.09 -34.78
N GLU A 49 18.99 15.30 -33.90
CA GLU A 49 20.17 14.45 -33.86
C GLU A 49 19.89 12.97 -33.62
N LYS A 50 18.91 12.66 -32.78
CA LYS A 50 18.56 11.26 -32.49
C LYS A 50 17.97 10.60 -33.76
N THR A 51 17.22 11.38 -34.53
CA THR A 51 16.59 10.94 -35.78
C THR A 51 17.66 10.61 -36.81
N GLU A 52 18.52 11.60 -37.05
CA GLU A 52 19.60 11.48 -38.01
C GLU A 52 20.40 10.24 -37.67
N GLU A 53 20.55 9.98 -36.38
CA GLU A 53 21.26 8.80 -35.89
C GLU A 53 20.60 7.53 -36.37
N VAL A 54 19.30 7.40 -36.09
CA VAL A 54 18.57 6.20 -36.48
C VAL A 54 18.63 6.01 -38.00
N ILE A 55 18.50 7.11 -38.74
CA ILE A 55 18.54 7.09 -40.21
C ILE A 55 19.90 6.56 -40.67
N ALA A 56 20.96 7.16 -40.13
CA ALA A 56 22.31 6.77 -40.47
C ALA A 56 22.56 5.32 -40.10
N GLU A 57 21.95 4.86 -39.01
CA GLU A 57 22.16 3.50 -38.55
C GLU A 57 21.35 2.40 -39.24
N ASN A 58 20.32 2.79 -39.99
CA ASN A 58 19.48 1.81 -40.68
C ASN A 58 19.34 2.13 -42.16
N PRO A 59 20.41 1.88 -42.92
CA PRO A 59 20.50 2.12 -44.36
C PRO A 59 19.33 1.68 -45.25
N GLY A 60 19.03 0.38 -45.26
CA GLY A 60 17.94 -0.07 -46.12
C GLY A 60 16.53 0.09 -45.61
N LYS A 61 16.38 0.52 -44.36
CA LYS A 61 15.05 0.66 -43.73
C LYS A 61 14.14 1.72 -44.32
N LYS A 62 12.89 1.30 -44.57
CA LYS A 62 11.86 2.20 -45.11
C LYS A 62 11.42 3.15 -44.01
N LEU A 63 12.39 3.89 -43.45
CA LEU A 63 12.13 4.89 -42.41
C LEU A 63 12.22 6.24 -43.09
N VAL A 64 11.26 7.11 -42.82
CA VAL A 64 11.20 8.43 -43.44
C VAL A 64 11.25 9.50 -42.36
N PRO A 65 12.38 10.22 -42.24
CA PRO A 65 12.57 11.27 -41.24
C PRO A 65 11.91 12.60 -41.53
N TYR A 66 11.45 13.27 -40.48
CA TYR A 66 10.84 14.60 -40.58
C TYR A 66 11.47 15.35 -39.44
N TYR A 67 11.63 16.66 -39.60
CA TYR A 67 12.25 17.43 -38.55
C TYR A 67 11.40 18.57 -38.08
N THR A 68 10.14 18.58 -38.52
CA THR A 68 9.15 19.56 -38.07
C THR A 68 7.90 18.74 -37.72
N VAL A 69 7.15 19.16 -36.71
CA VAL A 69 5.96 18.41 -36.34
C VAL A 69 4.93 18.51 -37.46
N LYS A 70 4.87 19.69 -38.08
CA LYS A 70 3.94 19.92 -39.18
C LYS A 70 4.20 18.92 -40.29
N GLU A 71 5.43 18.85 -40.78
CA GLU A 71 5.73 17.92 -41.85
C GLU A 71 5.46 16.47 -41.44
N PHE A 72 5.82 16.12 -40.21
CA PHE A 72 5.60 14.77 -39.71
C PHE A 72 4.12 14.40 -39.83
N VAL A 73 3.26 15.27 -39.33
CA VAL A 73 1.83 15.01 -39.35
C VAL A 73 1.25 14.93 -40.76
N GLU A 74 1.72 15.80 -41.65
CA GLU A 74 1.24 15.79 -43.02
C GLU A 74 1.65 14.55 -43.79
N SER A 75 2.71 13.89 -43.36
CA SER A 75 3.21 12.69 -44.02
C SER A 75 2.30 11.48 -43.80
N LEU A 76 1.33 11.65 -42.91
CA LEU A 76 0.49 10.53 -42.54
C LEU A 76 -0.89 10.46 -43.16
N GLU A 77 -1.27 9.24 -43.50
CA GLU A 77 -2.56 8.96 -44.08
C GLU A 77 -3.67 9.08 -43.02
N THR A 78 -4.79 9.72 -43.37
CA THR A 78 -5.91 9.84 -42.45
C THR A 78 -6.84 8.63 -42.52
N PRO A 79 -7.45 8.26 -41.38
CA PRO A 79 -7.29 8.91 -40.05
C PRO A 79 -5.85 8.64 -39.59
N ARG A 80 -5.15 9.67 -39.14
CA ARG A 80 -3.77 9.52 -38.74
C ARG A 80 -3.55 8.65 -37.50
N ARG A 81 -2.48 7.85 -37.56
CA ARG A 81 -2.06 6.99 -36.44
C ARG A 81 -0.67 7.43 -36.02
N ILE A 82 -0.58 8.04 -34.85
CA ILE A 82 0.68 8.56 -34.34
C ILE A 82 1.03 7.86 -33.03
N LEU A 83 2.11 7.08 -33.03
CA LEU A 83 2.58 6.35 -31.83
C LEU A 83 3.58 7.27 -31.14
N LEU A 84 3.24 7.67 -29.91
CA LEU A 84 4.00 8.60 -29.10
C LEU A 84 4.77 7.84 -28.04
N MET A 85 6.11 7.86 -28.14
CA MET A 85 6.97 7.16 -27.21
C MET A 85 7.98 8.14 -26.62
N VAL A 86 7.50 9.12 -25.87
CA VAL A 86 8.39 10.09 -25.24
C VAL A 86 8.30 9.92 -23.72
N LYS A 87 9.02 10.76 -22.97
CA LYS A 87 9.01 10.64 -21.51
C LYS A 87 7.62 10.90 -20.89
N ALA A 88 7.19 9.97 -20.04
CA ALA A 88 5.90 10.06 -19.38
C ALA A 88 5.79 11.33 -18.58
N GLY A 89 4.58 11.82 -18.40
CA GLY A 89 4.37 13.04 -17.64
C GLY A 89 4.09 14.27 -18.46
N ALA A 90 4.71 15.39 -18.09
CA ALA A 90 4.54 16.65 -18.81
C ALA A 90 5.07 16.57 -20.25
N GLY A 91 6.07 15.73 -20.48
CA GLY A 91 6.60 15.62 -21.81
C GLY A 91 5.63 14.97 -22.78
N THR A 92 4.75 14.12 -22.27
CA THR A 92 3.78 13.50 -23.16
C THR A 92 2.71 14.53 -23.49
N ASP A 93 2.32 15.34 -22.50
CA ASP A 93 1.32 16.39 -22.74
C ASP A 93 1.94 17.40 -23.69
N ALA A 94 3.25 17.61 -23.54
CA ALA A 94 3.94 18.55 -24.41
C ALA A 94 3.89 18.04 -25.85
N ALA A 95 4.13 16.74 -26.07
CA ALA A 95 4.13 16.19 -27.43
C ALA A 95 2.71 16.21 -28.00
N ILE A 96 1.74 15.97 -27.12
CA ILE A 96 0.34 16.00 -27.55
C ILE A 96 0.02 17.43 -28.01
N ASP A 97 0.23 18.39 -27.11
CA ASP A 97 -0.04 19.79 -27.40
C ASP A 97 0.62 20.29 -28.69
N SER A 98 1.76 19.71 -29.07
CA SER A 98 2.43 20.15 -30.29
C SER A 98 1.85 19.52 -31.54
N LEU A 99 1.10 18.44 -31.38
CA LEU A 99 0.47 17.76 -32.53
C LEU A 99 -0.91 18.32 -32.83
N LYS A 100 -1.67 18.64 -31.80
CA LYS A 100 -3.03 19.12 -31.98
C LYS A 100 -3.33 20.08 -33.15
N PRO A 101 -2.66 21.24 -33.17
CA PRO A 101 -2.95 22.17 -34.28
C PRO A 101 -2.97 21.57 -35.71
N TYR A 102 -2.21 20.51 -35.94
CA TYR A 102 -2.14 19.91 -37.27
C TYR A 102 -3.12 18.75 -37.48
N LEU A 103 -3.66 18.23 -36.38
CA LEU A 103 -4.56 17.09 -36.48
C LEU A 103 -5.95 17.40 -37.03
N ASP A 104 -6.56 16.39 -37.65
CA ASP A 104 -7.93 16.44 -38.16
C ASP A 104 -8.81 15.56 -37.30
N LYS A 105 -10.08 15.94 -37.18
CA LYS A 105 -11.04 15.20 -36.38
C LYS A 105 -11.00 13.76 -36.83
N GLY A 106 -10.93 12.86 -35.85
CA GLY A 106 -10.84 11.45 -36.18
C GLY A 106 -9.43 10.85 -36.06
N ASP A 107 -8.41 11.69 -36.07
CA ASP A 107 -7.03 11.20 -35.98
C ASP A 107 -6.83 10.49 -34.62
N ILE A 108 -5.80 9.66 -34.59
CA ILE A 108 -5.55 8.85 -33.39
C ILE A 108 -4.14 9.02 -32.83
N ILE A 109 -4.04 9.44 -31.55
CA ILE A 109 -2.75 9.54 -30.87
C ILE A 109 -2.67 8.26 -29.98
N ILE A 110 -1.55 7.57 -30.04
CA ILE A 110 -1.35 6.35 -29.26
C ILE A 110 -0.15 6.58 -28.33
N ASP A 111 -0.40 6.68 -27.02
CA ASP A 111 0.68 6.89 -26.02
C ASP A 111 1.17 5.52 -25.52
N GLY A 112 2.37 5.12 -25.90
CA GLY A 112 2.93 3.85 -25.46
C GLY A 112 3.94 4.00 -24.30
N GLY A 113 3.92 5.17 -23.68
CA GLY A 113 4.80 5.50 -22.55
C GLY A 113 4.33 4.79 -21.29
N ASN A 114 5.14 4.90 -20.24
CA ASN A 114 4.78 4.21 -18.99
C ASN A 114 3.96 5.24 -18.15
N THR A 115 2.73 5.41 -18.64
CA THR A 115 1.84 6.42 -18.12
C THR A 115 0.89 5.97 -17.05
N PHE A 116 0.71 6.80 -16.05
CA PHE A 116 -0.24 6.53 -14.98
C PHE A 116 -1.63 6.57 -15.59
N PHE A 117 -2.45 5.54 -15.32
CA PHE A 117 -3.73 5.47 -16.03
C PHE A 117 -4.69 6.65 -15.87
N GLN A 118 -4.64 7.37 -14.76
CA GLN A 118 -5.56 8.50 -14.60
C GLN A 118 -5.22 9.63 -15.58
N ASP A 119 -3.96 9.72 -15.96
CA ASP A 119 -3.54 10.77 -16.90
C ASP A 119 -4.10 10.38 -18.25
N THR A 120 -4.12 9.07 -18.54
CA THR A 120 -4.68 8.61 -19.83
C THR A 120 -6.19 8.86 -19.84
N ILE A 121 -6.88 8.66 -18.72
CA ILE A 121 -8.31 8.94 -18.65
C ILE A 121 -8.54 10.42 -18.93
N ARG A 122 -7.74 11.30 -18.32
CA ARG A 122 -7.90 12.74 -18.49
C ARG A 122 -7.68 13.11 -19.97
N ARG A 123 -6.56 12.64 -20.52
CA ARG A 123 -6.24 12.98 -21.91
C ARG A 123 -7.30 12.41 -22.86
N ASN A 124 -7.73 11.17 -22.64
CA ASN A 124 -8.71 10.60 -23.54
C ASN A 124 -9.98 11.46 -23.54
N ARG A 125 -10.37 11.97 -22.37
CA ARG A 125 -11.58 12.82 -22.25
C ARG A 125 -11.40 14.18 -22.93
N GLU A 126 -10.29 14.83 -22.63
CA GLU A 126 -10.01 16.13 -23.19
C GLU A 126 -9.95 16.07 -24.72
N LEU A 127 -9.17 15.13 -25.24
CA LEU A 127 -8.98 14.97 -26.68
C LEU A 127 -10.27 14.60 -27.40
N SER A 128 -11.09 13.75 -26.79
CA SER A 128 -12.37 13.36 -27.38
C SER A 128 -13.24 14.61 -27.57
N ALA A 129 -13.27 15.49 -26.58
CA ALA A 129 -14.02 16.73 -26.69
C ALA A 129 -13.56 17.53 -27.92
N GLU A 130 -12.29 17.41 -28.27
CA GLU A 130 -11.73 18.10 -29.42
C GLU A 130 -11.83 17.29 -30.70
N GLY A 131 -12.50 16.14 -30.62
CA GLY A 131 -12.66 15.28 -31.79
C GLY A 131 -11.50 14.36 -32.13
N PHE A 132 -10.58 14.15 -31.18
CA PHE A 132 -9.42 13.29 -31.45
C PHE A 132 -9.52 12.00 -30.58
N ASN A 133 -9.05 10.89 -31.14
CA ASN A 133 -9.04 9.61 -30.41
C ASN A 133 -7.73 9.52 -29.69
N PHE A 134 -7.72 8.68 -28.65
CA PHE A 134 -6.53 8.58 -27.85
C PHE A 134 -6.48 7.17 -27.28
N ILE A 135 -5.42 6.49 -27.62
CA ILE A 135 -5.20 5.14 -27.15
C ILE A 135 -3.99 5.14 -26.22
N GLY A 136 -4.22 4.81 -24.94
CA GLY A 136 -3.09 4.69 -24.01
C GLY A 136 -2.74 3.21 -24.04
N THR A 137 -1.50 2.86 -24.42
CA THR A 137 -1.15 1.48 -24.49
C THR A 137 0.09 1.08 -23.72
N GLY A 138 -0.03 -0.07 -23.06
CA GLY A 138 1.16 -0.61 -22.43
C GLY A 138 1.97 -1.36 -23.49
N VAL A 139 3.30 -1.39 -23.31
CA VAL A 139 4.21 -2.12 -24.19
C VAL A 139 5.12 -2.89 -23.23
N SER A 140 5.13 -4.21 -23.31
CA SER A 140 5.99 -5.00 -22.39
C SER A 140 6.92 -5.95 -23.16
N GLY A 141 8.16 -6.05 -22.69
CA GLY A 141 9.14 -6.91 -23.34
C GLY A 141 10.55 -6.32 -23.33
N GLY A 142 10.70 -5.07 -22.87
CA GLY A 142 12.02 -4.42 -22.86
C GLY A 142 12.49 -3.99 -24.26
N GLU A 143 13.77 -3.61 -24.36
CA GLU A 143 14.32 -3.15 -25.64
C GLU A 143 14.27 -4.23 -26.72
N GLU A 144 14.64 -5.45 -26.38
CA GLU A 144 14.64 -6.57 -27.34
C GLU A 144 13.21 -6.84 -27.82
N GLY A 145 12.29 -6.91 -26.87
CA GLY A 145 10.89 -7.15 -27.15
C GLY A 145 10.26 -6.07 -28.01
N ALA A 146 10.60 -4.81 -27.76
CA ALA A 146 10.00 -3.77 -28.56
C ALA A 146 10.38 -3.99 -30.02
N LEU A 147 11.58 -4.53 -30.22
CA LEU A 147 12.11 -4.77 -31.56
C LEU A 147 11.62 -6.04 -32.23
N LYS A 148 11.54 -7.14 -31.49
CA LYS A 148 11.13 -8.39 -32.11
C LYS A 148 9.69 -8.82 -31.89
N GLY A 149 9.05 -8.33 -30.83
CA GLY A 149 7.69 -8.73 -30.56
C GLY A 149 7.29 -8.53 -29.08
N PRO A 150 6.59 -7.44 -28.77
CA PRO A 150 6.20 -7.21 -27.38
C PRO A 150 4.78 -7.60 -27.13
N SER A 151 4.38 -7.54 -25.85
CA SER A 151 2.99 -7.73 -25.51
C SER A 151 2.46 -6.27 -25.53
N ILE A 152 1.32 -6.05 -26.20
CA ILE A 152 0.74 -4.71 -26.36
C ILE A 152 -0.65 -4.66 -25.73
N MET A 153 -0.87 -3.67 -24.86
CA MET A 153 -2.09 -3.57 -24.04
C MET A 153 -2.76 -2.21 -24.20
N PRO A 154 -3.54 -2.07 -25.30
CA PRO A 154 -4.23 -0.80 -25.60
C PRO A 154 -5.62 -0.58 -25.09
N GLY A 155 -5.89 0.64 -24.60
CA GLY A 155 -7.22 1.03 -24.20
C GLY A 155 -7.53 2.38 -24.81
N GLY A 156 -8.80 2.60 -25.08
CA GLY A 156 -9.20 3.88 -25.68
C GLY A 156 -10.44 3.57 -26.50
N GLN A 157 -10.69 4.36 -27.54
CA GLN A 157 -11.86 4.09 -28.39
C GLN A 157 -11.69 2.80 -29.15
N LYS A 158 -12.66 1.91 -29.05
CA LYS A 158 -12.53 0.65 -29.75
C LYS A 158 -12.40 0.80 -31.26
N GLU A 159 -13.14 1.75 -31.82
CA GLU A 159 -13.09 1.93 -33.27
C GLU A 159 -11.69 2.37 -33.73
N ALA A 160 -11.03 3.23 -32.93
CA ALA A 160 -9.68 3.69 -33.24
C ALA A 160 -8.73 2.50 -33.10
N TYR A 161 -8.89 1.74 -32.02
CA TYR A 161 -8.08 0.54 -31.87
C TYR A 161 -8.23 -0.38 -33.09
N GLU A 162 -9.47 -0.64 -33.54
CA GLU A 162 -9.64 -1.55 -34.69
C GLU A 162 -9.00 -1.01 -35.96
N LEU A 163 -8.99 0.30 -36.10
CA LEU A 163 -8.35 0.89 -37.26
C LEU A 163 -6.87 0.61 -37.28
N VAL A 164 -6.17 0.76 -36.13
CA VAL A 164 -4.74 0.52 -36.04
C VAL A 164 -4.35 -0.96 -35.70
N ALA A 165 -5.32 -1.80 -35.34
CA ALA A 165 -5.00 -3.18 -34.98
C ALA A 165 -4.26 -4.00 -36.03
N PRO A 166 -4.45 -3.69 -37.32
CA PRO A 166 -3.70 -4.50 -38.28
C PRO A 166 -2.18 -4.40 -38.08
N ILE A 167 -1.74 -3.19 -37.78
CA ILE A 167 -0.33 -2.94 -37.57
C ILE A 167 0.08 -3.53 -36.21
N LEU A 168 -0.68 -3.22 -35.17
CA LEU A 168 -0.28 -3.80 -33.86
C LEU A 168 -0.26 -5.31 -33.83
N THR A 169 -1.15 -5.99 -34.56
CA THR A 169 -1.14 -7.44 -34.49
C THR A 169 0.10 -8.02 -35.19
N LYS A 170 0.63 -7.28 -36.17
CA LYS A 170 1.81 -7.78 -36.88
C LYS A 170 3.10 -7.56 -36.12
N ILE A 171 3.14 -6.58 -35.23
CA ILE A 171 4.40 -6.36 -34.50
C ILE A 171 4.45 -7.08 -33.15
N ALA A 172 3.31 -7.59 -32.72
CA ALA A 172 3.31 -8.24 -31.41
C ALA A 172 3.92 -9.63 -31.36
N ALA A 173 4.35 -10.00 -30.15
CA ALA A 173 4.82 -11.35 -29.93
C ALA A 173 3.63 -12.27 -30.21
N VAL A 174 3.90 -13.54 -30.44
CA VAL A 174 2.87 -14.53 -30.72
C VAL A 174 2.96 -15.67 -29.72
N ALA A 175 1.82 -16.05 -29.16
CA ALA A 175 1.78 -17.14 -28.22
C ALA A 175 1.92 -18.51 -28.91
N GLU A 176 2.03 -19.60 -28.13
CA GLU A 176 2.20 -20.93 -28.73
C GLU A 176 1.03 -21.37 -29.63
N ASP A 177 -0.16 -20.81 -29.41
CA ASP A 177 -1.35 -21.14 -30.19
C ASP A 177 -1.48 -20.30 -31.45
N GLY A 178 -0.45 -19.53 -31.78
CA GLY A 178 -0.47 -18.67 -32.94
C GLY A 178 -1.15 -17.33 -32.72
N GLU A 179 -1.69 -17.06 -31.52
CA GLU A 179 -2.36 -15.77 -31.34
C GLU A 179 -1.44 -14.62 -30.95
N PRO A 180 -1.59 -13.47 -31.62
CA PRO A 180 -0.78 -12.28 -31.33
C PRO A 180 -1.07 -11.79 -29.91
N CYS A 181 -0.02 -11.35 -29.22
CA CYS A 181 -0.17 -10.83 -27.85
C CYS A 181 -0.56 -9.35 -27.84
N VAL A 182 -1.73 -9.08 -28.44
CA VAL A 182 -2.33 -7.75 -28.41
C VAL A 182 -3.84 -7.99 -28.52
N THR A 183 -4.60 -7.22 -27.76
CA THR A 183 -6.03 -7.34 -27.84
C THR A 183 -6.61 -6.03 -27.33
N TYR A 184 -7.84 -5.72 -27.74
CA TYR A 184 -8.47 -4.51 -27.21
C TYR A 184 -8.73 -4.74 -25.71
N ILE A 185 -8.11 -3.91 -24.86
CA ILE A 185 -8.32 -4.09 -23.41
C ILE A 185 -9.60 -3.48 -22.90
N GLY A 186 -9.89 -2.26 -23.32
CA GLY A 186 -11.07 -1.58 -22.81
C GLY A 186 -10.97 -0.11 -23.09
N ALA A 187 -11.92 0.65 -22.58
CA ALA A 187 -12.00 2.11 -22.84
C ALA A 187 -10.99 2.89 -22.08
N ASP A 188 -10.84 4.15 -22.50
CA ASP A 188 -9.96 5.10 -21.87
C ASP A 188 -8.65 4.56 -21.28
N GLY A 189 -8.51 4.58 -19.94
CA GLY A 189 -7.24 4.19 -19.33
C GLY A 189 -7.04 2.69 -19.05
N ALA A 190 -7.91 1.84 -19.56
CA ALA A 190 -7.80 0.41 -19.23
C ALA A 190 -6.48 -0.27 -19.60
N GLY A 191 -5.91 0.07 -20.77
CA GLY A 191 -4.65 -0.48 -21.22
C GLY A 191 -3.49 -0.12 -20.30
N HIS A 192 -3.40 1.17 -19.95
CA HIS A 192 -2.32 1.60 -19.04
C HIS A 192 -2.53 1.04 -17.65
N TYR A 193 -3.79 0.81 -17.26
CA TYR A 193 -4.05 0.19 -15.92
C TYR A 193 -3.53 -1.28 -15.98
N VAL A 194 -3.81 -2.00 -17.06
CA VAL A 194 -3.37 -3.40 -17.15
C VAL A 194 -1.85 -3.46 -17.23
N LYS A 195 -1.21 -2.51 -17.91
CA LYS A 195 0.25 -2.54 -17.96
C LYS A 195 0.83 -2.30 -16.55
N MET A 196 0.21 -1.43 -15.78
CA MET A 196 0.62 -1.17 -14.39
C MET A 196 0.56 -2.46 -13.61
N VAL A 197 -0.58 -3.17 -13.69
CA VAL A 197 -0.73 -4.43 -12.95
C VAL A 197 0.27 -5.47 -13.42
N HIS A 198 0.53 -5.54 -14.73
CA HIS A 198 1.56 -6.43 -15.20
C HIS A 198 2.87 -6.14 -14.43
N ASN A 199 3.22 -4.85 -14.36
CA ASN A 199 4.49 -4.51 -13.68
C ASN A 199 4.45 -4.82 -12.18
N GLY A 200 3.30 -4.65 -11.54
CA GLY A 200 3.21 -5.01 -10.11
C GLY A 200 3.42 -6.53 -10.00
N ILE A 201 2.76 -7.31 -10.88
CA ILE A 201 2.95 -8.77 -10.87
C ILE A 201 4.43 -9.13 -11.09
N GLU A 202 5.09 -8.44 -12.01
CA GLU A 202 6.52 -8.68 -12.28
C GLU A 202 7.32 -8.40 -10.99
N TYR A 203 7.03 -7.33 -10.27
CA TYR A 203 7.75 -7.05 -8.98
C TYR A 203 7.56 -8.23 -8.03
N GLY A 204 6.35 -8.78 -7.97
CA GLY A 204 6.07 -9.90 -7.06
C GLY A 204 6.86 -11.14 -7.46
N ASP A 205 6.89 -11.43 -8.77
CA ASP A 205 7.62 -12.64 -9.22
C ASP A 205 9.11 -12.52 -8.92
N MET A 206 9.66 -11.33 -9.08
CA MET A 206 11.08 -11.08 -8.83
C MET A 206 11.37 -11.21 -7.33
N GLN A 207 10.49 -10.67 -6.48
CA GLN A 207 10.74 -10.83 -5.05
C GLN A 207 10.59 -12.30 -4.57
N LEU A 208 9.61 -13.03 -5.13
CA LEU A 208 9.50 -14.43 -4.77
C LEU A 208 10.77 -15.19 -5.18
N ILE A 209 11.26 -14.94 -6.39
CA ILE A 209 12.50 -15.57 -6.83
C ILE A 209 13.67 -15.16 -5.93
N ALA A 210 13.70 -13.88 -5.50
CA ALA A 210 14.79 -13.41 -4.62
C ALA A 210 14.75 -14.17 -3.28
N GLU A 211 13.54 -14.42 -2.74
CA GLU A 211 13.46 -15.17 -1.47
C GLU A 211 13.93 -16.60 -1.68
N ALA A 212 13.55 -17.21 -2.82
CA ALA A 212 14.03 -18.59 -3.11
C ALA A 212 15.58 -18.59 -3.16
N TYR A 213 16.15 -17.58 -3.84
CA TYR A 213 17.62 -17.44 -3.86
C TYR A 213 18.19 -17.30 -2.44
N SER A 214 17.62 -16.42 -1.63
CA SER A 214 18.05 -16.22 -0.24
C SER A 214 18.12 -17.49 0.56
N LEU A 215 17.05 -18.24 0.42
CA LEU A 215 16.92 -19.47 1.17
C LEU A 215 17.86 -20.53 0.66
N LEU A 216 17.97 -20.70 -0.65
CA LEU A 216 18.90 -21.76 -1.12
C LEU A 216 20.35 -21.39 -0.78
N LYS A 217 20.72 -20.11 -0.90
CA LYS A 217 22.08 -19.71 -0.61
C LYS A 217 22.38 -19.68 0.88
N GLY A 218 21.49 -19.07 1.65
CA GLY A 218 21.71 -18.94 3.07
C GLY A 218 21.36 -20.17 3.86
N GLY A 219 20.42 -20.97 3.40
CA GLY A 219 20.05 -22.17 4.10
C GLY A 219 20.83 -23.42 3.70
N LEU A 220 21.09 -23.61 2.40
CA LEU A 220 21.81 -24.78 1.94
C LEU A 220 23.22 -24.49 1.52
N ASN A 221 23.60 -23.21 1.54
CA ASN A 221 24.89 -22.77 1.08
C ASN A 221 25.18 -23.22 -0.32
N LEU A 222 24.19 -23.14 -1.21
CA LEU A 222 24.46 -23.51 -2.61
C LEU A 222 25.36 -22.48 -3.24
N THR A 223 26.27 -22.92 -4.13
CA THR A 223 27.13 -22.06 -4.87
C THR A 223 26.32 -21.48 -6.04
N ASN A 224 26.88 -20.48 -6.71
CA ASN A 224 26.18 -19.90 -7.86
C ASN A 224 25.98 -20.96 -8.93
N GLU A 225 26.93 -21.88 -9.09
CA GLU A 225 26.73 -22.93 -10.10
C GLU A 225 25.55 -23.85 -9.68
N GLU A 226 25.43 -24.18 -8.40
CA GLU A 226 24.33 -25.00 -7.96
C GLU A 226 23.02 -24.25 -8.08
N LEU A 227 23.07 -22.93 -7.90
CA LEU A 227 21.83 -22.09 -8.03
C LEU A 227 21.38 -22.11 -9.47
N ALA A 228 22.35 -21.95 -10.40
CA ALA A 228 21.98 -22.00 -11.86
C ALA A 228 21.40 -23.36 -12.23
N GLN A 229 21.99 -24.43 -11.71
CA GLN A 229 21.53 -25.76 -11.97
C GLN A 229 20.09 -25.97 -11.47
N THR A 230 19.85 -25.51 -10.23
CA THR A 230 18.54 -25.64 -9.62
C THR A 230 17.50 -24.87 -10.40
N PHE A 231 17.80 -23.62 -10.72
CA PHE A 231 16.82 -22.83 -11.46
C PHE A 231 16.60 -23.45 -12.86
N THR A 232 17.67 -24.01 -13.46
CA THR A 232 17.47 -24.69 -14.75
C THR A 232 16.50 -25.87 -14.60
N GLU A 233 16.66 -26.65 -13.52
CA GLU A 233 15.76 -27.81 -13.35
C GLU A 233 14.32 -27.34 -13.08
N TRP A 234 14.16 -26.26 -12.29
CA TRP A 234 12.81 -25.78 -12.03
C TRP A 234 12.17 -25.26 -13.33
N ASN A 235 12.96 -24.61 -14.20
CA ASN A 235 12.42 -24.09 -15.44
C ASN A 235 11.94 -25.16 -16.42
N ASN A 236 12.34 -26.42 -16.22
CA ASN A 236 11.86 -27.47 -17.12
C ASN A 236 10.39 -27.81 -16.82
N GLY A 237 9.95 -27.61 -15.58
CA GLY A 237 8.60 -27.98 -15.16
C GLY A 237 7.55 -26.89 -15.15
N GLU A 238 6.59 -26.99 -14.23
CA GLU A 238 5.47 -26.02 -14.21
C GLU A 238 5.87 -24.56 -13.98
N LEU A 239 7.05 -24.35 -13.39
CA LEU A 239 7.56 -22.99 -13.17
C LEU A 239 8.11 -22.31 -14.41
N SER A 240 8.28 -23.04 -15.52
CA SER A 240 8.83 -22.47 -16.77
C SER A 240 8.41 -21.01 -16.97
N SER A 241 9.39 -20.12 -17.02
CA SER A 241 9.06 -18.72 -17.19
C SER A 241 10.32 -17.97 -17.63
N TYR A 242 10.11 -16.84 -18.29
CA TYR A 242 11.21 -15.98 -18.72
C TYR A 242 12.04 -15.49 -17.53
N LEU A 243 11.40 -15.08 -16.42
CA LEU A 243 12.21 -14.62 -15.29
C LEU A 243 13.07 -15.74 -14.69
N ILE A 244 12.60 -17.00 -14.68
CA ILE A 244 13.48 -18.04 -14.16
C ILE A 244 14.62 -18.36 -15.15
N ASP A 245 14.29 -18.26 -16.43
CA ASP A 245 15.28 -18.47 -17.53
C ASP A 245 16.42 -17.45 -17.38
N ILE A 246 16.10 -16.18 -17.22
CA ILE A 246 17.20 -15.21 -17.09
C ILE A 246 17.92 -15.33 -15.75
N THR A 247 17.21 -15.79 -14.71
CA THR A 247 17.89 -15.94 -13.42
C THR A 247 18.99 -17.01 -13.50
N LYS A 248 18.72 -18.14 -14.18
CA LYS A 248 19.77 -19.14 -14.23
C LYS A 248 20.96 -18.61 -15.08
N ASP A 249 20.68 -17.77 -16.07
CA ASP A 249 21.77 -17.14 -16.85
C ASP A 249 22.56 -16.23 -15.92
N ILE A 250 21.88 -15.43 -15.10
CA ILE A 250 22.58 -14.53 -14.22
C ILE A 250 23.53 -15.19 -13.26
N PHE A 251 23.15 -16.37 -12.75
CA PHE A 251 23.98 -17.08 -11.81
C PHE A 251 25.23 -17.67 -12.39
N THR A 252 25.36 -17.68 -13.71
CA THR A 252 26.66 -18.16 -14.14
C THR A 252 27.43 -17.12 -14.90
N LYS A 253 26.91 -15.90 -14.96
CA LYS A 253 27.65 -14.85 -15.66
C LYS A 253 28.89 -14.44 -14.88
N LYS A 254 30.07 -14.55 -15.50
CA LYS A 254 31.30 -14.14 -14.81
C LYS A 254 31.81 -12.81 -15.32
N ASP A 255 32.50 -12.11 -14.43
CA ASP A 255 33.08 -10.77 -14.64
C ASP A 255 34.30 -10.71 -15.57
N GLU A 256 34.79 -9.48 -15.72
CA GLU A 256 35.97 -9.15 -16.51
C GLU A 256 37.08 -10.00 -15.92
N ASP A 257 37.26 -9.88 -14.59
CA ASP A 257 38.26 -10.67 -13.87
C ASP A 257 37.78 -12.10 -13.98
N GLY A 258 36.46 -12.26 -13.83
CA GLY A 258 35.88 -13.58 -13.93
C GLY A 258 35.22 -14.08 -12.69
N ASN A 259 34.81 -13.11 -11.92
CA ASN A 259 34.14 -13.41 -10.70
C ASN A 259 32.66 -13.24 -11.05
N TYR A 260 31.78 -13.87 -10.26
CA TYR A 260 30.36 -13.76 -10.57
C TYR A 260 29.88 -12.35 -10.40
N LEU A 261 29.37 -11.83 -11.49
CA LEU A 261 28.85 -10.48 -11.55
C LEU A 261 27.69 -10.26 -10.54
N VAL A 262 26.81 -11.24 -10.39
CA VAL A 262 25.71 -11.02 -9.45
C VAL A 262 26.23 -10.74 -8.04
N ASP A 263 27.42 -11.24 -7.70
CA ASP A 263 27.96 -10.98 -6.36
C ASP A 263 28.63 -9.64 -6.12
N VAL A 264 28.83 -8.86 -7.16
CA VAL A 264 29.45 -7.55 -6.95
C VAL A 264 28.44 -6.44 -7.20
N ILE A 265 27.16 -6.80 -7.40
CA ILE A 265 26.17 -5.76 -7.68
C ILE A 265 25.63 -5.23 -6.33
N LEU A 266 25.49 -3.92 -6.24
CA LEU A 266 24.95 -3.28 -5.02
C LEU A 266 23.50 -3.76 -4.85
N ASP A 267 23.16 -4.22 -3.65
CA ASP A 267 21.81 -4.75 -3.38
C ASP A 267 20.82 -3.63 -3.02
N GLU A 268 20.66 -2.68 -3.93
CA GLU A 268 19.75 -1.57 -3.74
C GLU A 268 18.84 -1.60 -4.99
N ALA A 269 17.60 -2.11 -4.81
CA ALA A 269 16.65 -2.26 -5.93
C ALA A 269 15.92 -0.98 -6.16
N ALA A 270 16.07 -0.46 -7.38
CA ALA A 270 15.43 0.78 -7.80
C ALA A 270 14.02 0.49 -8.34
N ASN A 271 13.29 1.55 -8.69
CA ASN A 271 11.95 1.32 -9.29
C ASN A 271 11.53 2.53 -10.07
N LYS A 272 10.66 2.28 -11.07
CA LYS A 272 10.14 3.40 -11.91
C LYS A 272 8.65 3.70 -11.71
N GLY A 273 8.13 3.42 -10.52
CA GLY A 273 6.72 3.77 -10.24
C GLY A 273 5.58 2.76 -10.38
N THR A 274 5.58 1.84 -11.34
CA THR A 274 4.40 1.01 -11.55
C THR A 274 4.03 0.09 -10.39
N GLY A 275 5.03 -0.43 -9.69
CA GLY A 275 4.74 -1.32 -8.54
C GLY A 275 4.02 -0.51 -7.45
N LYS A 276 4.64 0.66 -7.18
CA LYS A 276 4.07 1.63 -6.18
C LYS A 276 2.67 1.97 -6.65
N TRP A 277 2.51 2.22 -7.98
CA TRP A 277 1.16 2.58 -8.40
C TRP A 277 0.13 1.46 -8.22
N THR A 278 0.54 0.21 -8.50
CA THR A 278 -0.35 -0.92 -8.34
C THR A 278 -0.85 -1.01 -6.91
N SER A 279 0.08 -0.92 -5.97
CA SER A 279 -0.28 -0.98 -4.52
C SER A 279 -1.13 0.21 -4.10
N GLN A 280 -0.87 1.43 -4.64
CA GLN A 280 -1.71 2.56 -4.23
C GLN A 280 -3.13 2.36 -4.77
N SER A 281 -3.27 1.72 -5.93
CA SER A 281 -4.57 1.49 -6.48
C SER A 281 -5.30 0.39 -5.66
N ALA A 282 -4.58 -0.65 -5.23
CA ALA A 282 -5.18 -1.69 -4.37
C ALA A 282 -5.72 -0.97 -3.13
N LEU A 283 -4.96 -0.01 -2.59
CA LEU A 283 -5.38 0.71 -1.37
C LEU A 283 -6.65 1.51 -1.72
N ASP A 284 -6.64 2.18 -2.89
CA ASP A 284 -7.90 2.91 -3.22
C ASP A 284 -9.13 2.02 -3.44
N LEU A 285 -8.90 0.82 -3.96
CA LEU A 285 -10.01 -0.08 -4.35
C LEU A 285 -10.46 -1.06 -3.27
N GLY A 286 -9.78 -1.09 -2.13
CA GLY A 286 -10.19 -2.03 -1.07
C GLY A 286 -9.66 -3.43 -1.30
N GLU A 287 -8.62 -3.59 -2.14
CA GLU A 287 -8.11 -4.96 -2.45
C GLU A 287 -6.92 -5.28 -1.59
N PRO A 288 -6.89 -6.50 -1.00
CA PRO A 288 -5.78 -6.88 -0.12
C PRO A 288 -4.62 -7.44 -0.89
N LEU A 289 -3.92 -6.52 -1.58
CA LEU A 289 -2.85 -6.89 -2.47
C LEU A 289 -1.53 -7.00 -1.72
N SER A 290 -1.49 -7.93 -0.79
CA SER A 290 -0.31 -7.99 0.06
C SER A 290 1.00 -8.40 -0.52
N LEU A 291 0.96 -9.34 -1.45
CA LEU A 291 2.22 -9.87 -1.94
C LEU A 291 2.98 -8.85 -2.78
N ILE A 292 2.33 -8.34 -3.82
CA ILE A 292 2.98 -7.28 -4.62
C ILE A 292 3.37 -6.06 -3.73
N THR A 293 2.51 -5.69 -2.77
CA THR A 293 2.87 -4.56 -1.92
C THR A 293 4.09 -4.85 -1.08
N GLU A 294 4.21 -6.07 -0.54
CA GLU A 294 5.42 -6.36 0.23
C GLU A 294 6.64 -6.43 -0.70
N SER A 295 6.42 -6.75 -2.00
CA SER A 295 7.56 -6.73 -2.96
C SER A 295 8.08 -5.32 -3.16
N VAL A 296 7.13 -4.37 -3.18
CA VAL A 296 7.54 -2.95 -3.28
C VAL A 296 8.30 -2.55 -1.99
N PHE A 297 7.73 -2.91 -0.84
CA PHE A 297 8.44 -2.54 0.39
C PHE A 297 9.80 -3.26 0.53
N ALA A 298 9.92 -4.45 -0.03
CA ALA A 298 11.26 -5.11 0.02
C ALA A 298 12.27 -4.30 -0.85
N ARG A 299 11.80 -3.78 -1.98
CA ARG A 299 12.71 -2.90 -2.78
C ARG A 299 13.00 -1.64 -1.91
N TYR A 300 11.99 -1.07 -1.24
CA TYR A 300 12.30 0.12 -0.43
C TYR A 300 13.32 -0.13 0.66
N ILE A 301 13.24 -1.26 1.35
CA ILE A 301 14.18 -1.46 2.46
C ILE A 301 15.57 -1.79 1.89
N SER A 302 15.60 -2.41 0.69
CA SER A 302 16.92 -2.65 0.09
C SER A 302 17.54 -1.32 -0.22
N SER A 303 16.73 -0.29 -0.51
CA SER A 303 17.29 1.02 -0.84
C SER A 303 17.68 1.82 0.40
N LEU A 304 17.43 1.31 1.60
CA LEU A 304 17.91 1.97 2.83
C LEU A 304 19.18 1.23 3.26
N LYS A 305 20.10 1.11 2.30
CA LYS A 305 21.37 0.38 2.55
C LYS A 305 22.15 0.95 3.72
N ASP A 306 22.34 2.28 3.78
CA ASP A 306 23.11 2.84 4.93
C ASP A 306 22.48 2.46 6.27
N GLN A 307 21.14 2.52 6.35
CA GLN A 307 20.50 2.15 7.59
C GLN A 307 20.68 0.65 7.92
N ARG A 308 20.60 -0.19 6.89
CA ARG A 308 20.73 -1.63 7.11
C ARG A 308 22.15 -1.95 7.56
N VAL A 309 23.14 -1.33 6.91
CA VAL A 309 24.52 -1.60 7.37
C VAL A 309 24.72 -1.17 8.81
N ALA A 310 24.21 0.01 9.18
CA ALA A 310 24.29 0.42 10.59
C ALA A 310 23.61 -0.53 11.52
N ALA A 311 22.39 -0.92 11.14
CA ALA A 311 21.63 -1.82 11.99
C ALA A 311 22.29 -3.23 12.12
N SER A 312 22.93 -3.69 11.03
CA SER A 312 23.60 -5.00 11.06
C SER A 312 24.72 -5.10 12.08
N LYS A 313 25.24 -3.93 12.50
CA LYS A 313 26.34 -3.89 13.51
C LYS A 313 25.83 -3.88 14.92
N VAL A 314 24.50 -3.69 15.07
CA VAL A 314 23.86 -3.49 16.37
C VAL A 314 22.88 -4.60 16.72
N LEU A 315 22.01 -4.95 15.78
CA LEU A 315 20.98 -5.90 16.03
C LEU A 315 21.41 -7.33 15.98
N SER A 316 20.81 -8.14 16.87
CA SER A 316 21.11 -9.56 16.98
C SER A 316 20.13 -10.45 16.22
N GLY A 317 20.51 -11.68 15.98
CA GLY A 317 19.61 -12.55 15.24
C GLY A 317 19.82 -13.96 15.72
N PRO A 318 19.11 -14.94 15.16
CA PRO A 318 19.26 -16.33 15.58
C PRO A 318 20.45 -17.06 14.98
N GLN A 319 20.73 -18.18 15.62
CA GLN A 319 21.79 -19.11 15.26
C GLN A 319 21.20 -20.02 14.18
N ALA A 320 21.87 -20.14 13.02
CA ALA A 320 21.43 -21.01 11.91
C ALA A 320 21.15 -22.49 12.29
N GLN A 321 19.95 -22.98 11.92
CA GLN A 321 19.48 -24.37 12.15
C GLN A 321 19.69 -25.24 10.89
N PRO A 322 19.83 -26.56 11.06
CA PRO A 322 20.05 -27.42 9.87
C PRO A 322 18.82 -27.51 8.94
N ALA A 323 19.09 -27.39 7.63
CA ALA A 323 18.06 -27.43 6.61
C ALA A 323 17.61 -28.87 6.36
N GLY A 324 18.49 -29.82 6.62
CA GLY A 324 18.12 -31.20 6.40
C GLY A 324 18.53 -31.65 5.01
N ASP A 325 17.82 -32.64 4.51
CA ASP A 325 18.15 -33.17 3.20
C ASP A 325 18.10 -32.09 2.13
N LYS A 326 19.18 -31.99 1.35
CA LYS A 326 19.30 -31.02 0.26
C LYS A 326 18.17 -31.10 -0.78
N ALA A 327 17.93 -32.29 -1.34
CA ALA A 327 16.90 -32.44 -2.34
C ALA A 327 15.51 -32.08 -1.79
N GLU A 328 15.25 -32.49 -0.56
CA GLU A 328 13.95 -32.24 0.03
C GLU A 328 13.76 -30.76 0.26
N PHE A 329 14.79 -30.06 0.72
CA PHE A 329 14.66 -28.63 0.97
C PHE A 329 14.45 -27.91 -0.36
N ILE A 330 15.24 -28.27 -1.38
CA ILE A 330 15.06 -27.61 -2.70
C ILE A 330 13.63 -27.81 -3.23
N GLU A 331 13.07 -29.00 -3.07
CA GLU A 331 11.72 -29.21 -3.57
C GLU A 331 10.70 -28.39 -2.77
N LYS A 332 10.96 -28.22 -1.46
CA LYS A 332 9.99 -27.41 -0.71
C LYS A 332 10.02 -25.96 -1.15
N VAL A 333 11.22 -25.44 -1.38
CA VAL A 333 11.35 -24.05 -1.87
C VAL A 333 10.70 -23.93 -3.28
N ARG A 334 10.87 -24.96 -4.11
CA ARG A 334 10.28 -24.91 -5.46
C ARG A 334 8.72 -24.79 -5.34
N ARG A 335 8.17 -25.64 -4.50
CA ARG A 335 6.70 -25.66 -4.26
C ARG A 335 6.23 -24.31 -3.65
N ALA A 336 7.01 -23.78 -2.72
CA ALA A 336 6.64 -22.53 -2.13
C ALA A 336 6.63 -21.40 -3.18
N LEU A 337 7.63 -21.38 -4.06
CA LEU A 337 7.71 -20.39 -5.10
C LEU A 337 6.48 -20.47 -6.02
N TYR A 338 6.12 -21.68 -6.45
CA TYR A 338 4.98 -21.81 -7.35
C TYR A 338 3.66 -21.41 -6.67
N LEU A 339 3.44 -21.88 -5.44
CA LEU A 339 2.20 -21.51 -4.72
C LEU A 339 2.19 -20.00 -4.41
N GLY A 340 3.37 -19.44 -4.12
CA GLY A 340 3.45 -17.97 -3.89
C GLY A 340 3.03 -17.25 -5.15
N LYS A 341 3.51 -17.72 -6.34
CA LYS A 341 3.06 -17.05 -7.57
C LYS A 341 1.56 -17.16 -7.72
N ILE A 342 0.98 -18.34 -7.47
CA ILE A 342 -0.47 -18.48 -7.60
C ILE A 342 -1.19 -17.48 -6.73
N VAL A 343 -0.74 -17.31 -5.48
CA VAL A 343 -1.37 -16.34 -4.60
C VAL A 343 -1.19 -14.93 -5.10
N SER A 344 0.01 -14.59 -5.58
CA SER A 344 0.20 -13.22 -6.06
C SER A 344 -0.70 -12.89 -7.27
N TYR A 345 -0.81 -13.84 -8.19
CA TYR A 345 -1.65 -13.62 -9.38
C TYR A 345 -3.12 -13.65 -8.99
N ALA A 346 -3.52 -14.49 -8.04
CA ALA A 346 -4.91 -14.43 -7.61
C ALA A 346 -5.21 -13.01 -7.08
N GLN A 347 -4.31 -12.46 -6.28
CA GLN A 347 -4.53 -11.09 -5.74
C GLN A 347 -4.55 -10.09 -6.89
N GLY A 348 -3.64 -10.25 -7.86
CA GLY A 348 -3.55 -9.23 -8.93
C GLY A 348 -4.78 -9.29 -9.84
N PHE A 349 -5.23 -10.47 -10.17
CA PHE A 349 -6.42 -10.54 -11.02
C PHE A 349 -7.69 -10.11 -10.30
N SER A 350 -7.77 -10.32 -8.97
CA SER A 350 -8.90 -9.83 -8.21
C SER A 350 -8.87 -8.29 -8.26
N GLN A 351 -7.67 -7.72 -8.24
CA GLN A 351 -7.59 -6.23 -8.33
C GLN A 351 -8.03 -5.77 -9.73
N LEU A 352 -7.64 -6.52 -10.77
CA LEU A 352 -8.16 -6.15 -12.09
C LEU A 352 -9.67 -6.15 -12.13
N ARG A 353 -10.32 -7.13 -11.47
CA ARG A 353 -11.77 -7.17 -11.46
C ARG A 353 -12.32 -5.99 -10.71
N ALA A 354 -11.74 -5.65 -9.56
CA ALA A 354 -12.22 -4.47 -8.82
C ALA A 354 -12.04 -3.16 -9.60
N ALA A 355 -10.93 -3.07 -10.37
CA ALA A 355 -10.69 -1.86 -11.15
C ALA A 355 -11.67 -1.82 -12.32
N SER A 356 -11.95 -2.99 -12.90
CA SER A 356 -12.88 -3.03 -14.02
C SER A 356 -14.24 -2.52 -13.56
N GLU A 357 -14.68 -2.92 -12.37
CA GLU A 357 -15.97 -2.48 -11.86
C GLU A 357 -15.93 -0.96 -11.53
N GLU A 358 -14.85 -0.46 -10.93
CA GLU A 358 -14.76 0.95 -10.57
C GLU A 358 -14.68 1.89 -11.76
N TYR A 359 -13.89 1.51 -12.77
CA TYR A 359 -13.68 2.40 -13.91
C TYR A 359 -14.52 2.05 -15.14
N ASN A 360 -15.44 1.09 -14.98
CA ASN A 360 -16.39 0.70 -16.05
C ASN A 360 -15.74 0.20 -17.31
N TRP A 361 -14.87 -0.79 -17.17
CA TRP A 361 -14.16 -1.35 -18.32
C TRP A 361 -14.60 -2.71 -18.87
N ASP A 362 -15.38 -3.47 -18.12
CA ASP A 362 -15.76 -4.79 -18.59
C ASP A 362 -14.54 -5.57 -19.11
N LEU A 363 -13.48 -5.63 -18.29
CA LEU A 363 -12.29 -6.35 -18.65
C LEU A 363 -12.53 -7.82 -18.92
N ASN A 364 -11.76 -8.35 -19.86
CA ASN A 364 -11.84 -9.78 -20.21
C ASN A 364 -10.53 -10.38 -19.70
N TYR A 365 -10.66 -11.00 -18.55
CA TYR A 365 -9.47 -11.49 -17.84
C TYR A 365 -8.73 -12.60 -18.55
N GLY A 366 -9.49 -13.48 -19.20
CA GLY A 366 -8.85 -14.54 -19.94
C GLY A 366 -8.09 -13.97 -21.12
N GLU A 367 -8.62 -12.92 -21.76
CA GLU A 367 -7.88 -12.34 -22.87
C GLU A 367 -6.63 -11.61 -22.41
N ILE A 368 -6.70 -10.97 -21.25
CA ILE A 368 -5.52 -10.31 -20.66
C ILE A 368 -4.47 -11.39 -20.33
N ALA A 369 -4.87 -12.50 -19.71
CA ALA A 369 -3.90 -13.54 -19.45
C ALA A 369 -3.29 -14.06 -20.79
N LYS A 370 -4.11 -14.21 -21.83
CA LYS A 370 -3.55 -14.69 -23.08
C LYS A 370 -2.49 -13.77 -23.65
N ILE A 371 -2.66 -12.44 -23.57
CA ILE A 371 -1.58 -11.62 -24.17
C ILE A 371 -0.35 -11.55 -23.27
N PHE A 372 -0.43 -12.14 -22.07
CA PHE A 372 0.77 -12.18 -21.19
C PHE A 372 1.53 -13.54 -21.38
N ARG A 373 1.08 -14.38 -22.31
CA ARG A 373 1.69 -15.69 -22.52
C ARG A 373 3.04 -15.57 -23.20
N ALA A 374 3.25 -14.46 -23.90
CA ALA A 374 4.51 -14.24 -24.60
C ALA A 374 4.74 -12.73 -24.64
N GLY A 375 5.92 -12.33 -25.09
CA GLY A 375 6.30 -10.93 -25.22
C GLY A 375 6.64 -10.21 -23.94
N CYS A 376 5.73 -10.26 -22.98
CA CYS A 376 5.91 -9.52 -21.72
C CYS A 376 6.92 -10.18 -20.80
N ILE A 377 7.33 -9.44 -19.77
CA ILE A 377 8.34 -9.94 -18.83
C ILE A 377 7.83 -11.09 -17.97
N ILE A 378 6.53 -11.10 -17.62
CA ILE A 378 6.08 -12.23 -16.79
C ILE A 378 5.66 -13.42 -17.61
N ARG A 379 5.96 -13.42 -18.92
CA ARG A 379 5.58 -14.57 -19.75
C ARG A 379 6.05 -15.89 -19.16
N ALA A 380 5.14 -16.87 -19.26
CA ALA A 380 5.40 -18.19 -18.63
C ALA A 380 4.26 -19.12 -19.00
N GLN A 381 4.51 -20.43 -18.93
CA GLN A 381 3.47 -21.38 -19.29
C GLN A 381 2.26 -21.29 -18.34
N PHE A 382 2.54 -20.80 -17.16
CA PHE A 382 1.59 -20.54 -16.10
C PHE A 382 0.39 -19.72 -16.59
N LEU A 383 0.65 -18.77 -17.47
CA LEU A 383 -0.42 -17.89 -17.94
C LEU A 383 -1.47 -18.70 -18.69
N GLN A 384 -1.07 -19.83 -19.26
CA GLN A 384 -2.09 -20.66 -19.93
C GLN A 384 -3.05 -21.30 -18.90
N LYS A 385 -2.55 -21.64 -17.70
CA LYS A 385 -3.43 -22.19 -16.66
C LYS A 385 -4.46 -21.13 -16.22
N ILE A 386 -4.05 -19.85 -16.18
CA ILE A 386 -4.97 -18.77 -15.83
C ILE A 386 -5.97 -18.58 -16.96
N THR A 387 -5.45 -18.59 -18.20
CA THR A 387 -6.30 -18.47 -19.37
C THR A 387 -7.36 -19.60 -19.30
N ASP A 388 -6.93 -20.83 -19.02
CA ASP A 388 -7.89 -21.96 -18.97
C ASP A 388 -8.97 -21.75 -17.91
N ALA A 389 -8.55 -21.23 -16.75
CA ALA A 389 -9.52 -21.00 -15.69
C ALA A 389 -10.62 -20.05 -16.07
N TYR A 390 -10.26 -18.94 -16.76
CA TYR A 390 -11.22 -17.96 -17.17
C TYR A 390 -12.04 -18.50 -18.35
N ALA A 391 -11.46 -19.37 -19.19
CA ALA A 391 -12.25 -19.94 -20.31
C ALA A 391 -13.43 -20.72 -19.72
N GLU A 392 -13.20 -21.42 -18.62
CA GLU A 392 -14.22 -22.21 -17.98
C GLU A 392 -15.17 -21.39 -17.14
N ASN A 393 -14.67 -20.31 -16.54
CA ASN A 393 -15.50 -19.52 -15.65
C ASN A 393 -15.03 -18.07 -15.74
N PRO A 394 -15.51 -17.33 -16.76
CA PRO A 394 -15.09 -15.94 -16.91
C PRO A 394 -15.33 -14.99 -15.75
N GLN A 395 -16.36 -15.24 -14.96
CA GLN A 395 -16.59 -14.32 -13.88
C GLN A 395 -16.18 -14.89 -12.50
N ILE A 396 -15.24 -15.85 -12.52
CA ILE A 396 -14.78 -16.43 -11.25
C ILE A 396 -14.26 -15.28 -10.35
N ALA A 397 -14.53 -15.39 -9.06
CA ALA A 397 -14.20 -14.29 -8.18
C ALA A 397 -12.72 -14.17 -7.90
N ASN A 398 -12.04 -15.30 -7.84
CA ASN A 398 -10.63 -15.31 -7.45
C ASN A 398 -10.07 -16.61 -8.02
N LEU A 399 -8.88 -16.56 -8.60
CA LEU A 399 -8.26 -17.73 -9.16
C LEU A 399 -8.02 -18.88 -8.22
N LEU A 400 -7.91 -18.62 -6.91
CA LEU A 400 -7.70 -19.72 -5.98
C LEU A 400 -8.85 -20.71 -6.03
N LEU A 401 -10.03 -20.24 -6.45
CA LEU A 401 -11.24 -21.10 -6.53
C LEU A 401 -11.23 -22.03 -7.73
N ALA A 402 -10.36 -21.82 -8.69
CA ALA A 402 -10.35 -22.66 -9.93
C ALA A 402 -9.78 -24.01 -9.58
N PRO A 403 -10.34 -25.10 -10.15
CA PRO A 403 -9.84 -26.44 -9.79
C PRO A 403 -8.33 -26.70 -9.83
N TYR A 404 -7.66 -26.17 -10.84
CA TYR A 404 -6.23 -26.40 -10.95
C TYR A 404 -5.47 -25.74 -9.80
N PHE A 405 -5.82 -24.49 -9.48
CA PHE A 405 -5.11 -23.79 -8.41
C PHE A 405 -5.46 -24.32 -7.05
N LYS A 406 -6.71 -24.75 -6.84
CA LYS A 406 -7.11 -25.32 -5.56
C LYS A 406 -6.29 -26.57 -5.34
N GLN A 407 -6.12 -27.37 -6.40
CA GLN A 407 -5.37 -28.61 -6.24
C GLN A 407 -3.87 -28.30 -5.94
N ILE A 408 -3.31 -27.28 -6.62
CA ILE A 408 -1.91 -26.99 -6.29
C ILE A 408 -1.83 -26.54 -4.84
N ALA A 409 -2.79 -25.71 -4.41
CA ALA A 409 -2.72 -25.25 -3.01
C ALA A 409 -2.90 -26.44 -2.07
N ASP A 410 -3.77 -27.40 -2.41
CA ASP A 410 -3.91 -28.58 -1.55
C ASP A 410 -2.58 -29.31 -1.43
N ASP A 411 -1.86 -29.43 -2.56
CA ASP A 411 -0.63 -30.24 -2.55
C ASP A 411 0.62 -29.56 -2.02
N TYR A 412 0.68 -28.26 -2.26
CA TYR A 412 1.90 -27.50 -1.98
C TYR A 412 1.87 -26.62 -0.75
N GLN A 413 0.72 -26.47 -0.09
CA GLN A 413 0.75 -25.54 1.04
C GLN A 413 1.62 -26.02 2.18
N GLN A 414 1.73 -27.35 2.38
CA GLN A 414 2.57 -27.76 3.48
C GLN A 414 4.03 -27.38 3.24
N ALA A 415 4.53 -27.49 2.00
CA ALA A 415 5.89 -27.07 1.72
C ALA A 415 6.04 -25.57 2.00
N LEU A 416 5.05 -24.79 1.58
CA LEU A 416 5.17 -23.33 1.80
C LEU A 416 5.23 -23.05 3.28
N ARG A 417 4.36 -23.74 4.07
CA ARG A 417 4.37 -23.52 5.52
C ARG A 417 5.72 -23.93 6.10
N ASP A 418 6.27 -25.07 5.62
CA ASP A 418 7.54 -25.52 6.12
C ASP A 418 8.68 -24.53 5.79
N VAL A 419 8.60 -23.94 4.61
CA VAL A 419 9.64 -23.02 4.19
C VAL A 419 9.58 -21.71 5.00
N VAL A 420 8.37 -21.19 5.19
CA VAL A 420 8.22 -20.00 6.01
C VAL A 420 8.67 -20.26 7.45
N ALA A 421 8.26 -21.40 8.02
CA ALA A 421 8.66 -21.68 9.40
C ALA A 421 10.17 -21.83 9.51
N TYR A 422 10.80 -22.44 8.55
CA TYR A 422 12.23 -22.58 8.60
C TYR A 422 12.93 -21.22 8.47
N ALA A 423 12.48 -20.40 7.51
CA ALA A 423 13.14 -19.10 7.29
C ALA A 423 13.02 -18.22 8.52
N VAL A 424 11.85 -18.23 9.14
CA VAL A 424 11.64 -17.41 10.34
C VAL A 424 12.53 -17.91 11.49
N GLN A 425 12.71 -19.23 11.59
CA GLN A 425 13.56 -19.69 12.67
C GLN A 425 15.01 -19.38 12.43
N ILE A 426 15.46 -19.36 11.19
CA ILE A 426 16.88 -19.10 10.99
C ILE A 426 17.22 -17.63 10.71
N GLY A 427 16.19 -16.81 10.56
CA GLY A 427 16.41 -15.38 10.37
C GLY A 427 16.56 -14.86 8.94
N ILE A 428 16.15 -15.64 7.94
CA ILE A 428 16.20 -15.15 6.54
C ILE A 428 14.83 -14.55 6.26
N PRO A 429 14.80 -13.26 5.89
CA PRO A 429 13.49 -12.68 5.64
C PRO A 429 12.75 -13.20 4.42
N VAL A 430 11.46 -13.50 4.59
CA VAL A 430 10.64 -14.00 3.48
C VAL A 430 9.30 -13.26 3.49
N PRO A 431 9.35 -11.95 3.20
CA PRO A 431 8.11 -11.19 3.22
C PRO A 431 7.02 -11.69 2.27
N THR A 432 7.38 -12.08 1.07
CA THR A 432 6.29 -12.55 0.17
C THR A 432 5.87 -13.95 0.39
N PHE A 433 6.77 -14.86 0.77
CA PHE A 433 6.27 -16.19 1.10
C PHE A 433 5.37 -16.06 2.33
N SER A 434 5.74 -15.20 3.29
CA SER A 434 4.92 -14.98 4.51
C SER A 434 3.57 -14.39 4.11
N ALA A 435 3.58 -13.42 3.21
CA ALA A 435 2.31 -12.80 2.81
C ALA A 435 1.43 -13.82 2.10
N ALA A 436 2.04 -14.73 1.35
CA ALA A 436 1.27 -15.75 0.64
C ALA A 436 0.52 -16.64 1.63
N VAL A 437 1.19 -17.08 2.69
CA VAL A 437 0.52 -17.96 3.68
C VAL A 437 -0.56 -17.18 4.44
N ALA A 438 -0.30 -15.92 4.82
CA ALA A 438 -1.30 -15.17 5.58
C ALA A 438 -2.51 -14.91 4.71
N TYR A 439 -2.31 -14.67 3.41
CA TYR A 439 -3.47 -14.41 2.56
C TYR A 439 -4.27 -15.67 2.38
N TYR A 440 -3.60 -16.78 2.08
CA TYR A 440 -4.33 -18.04 1.87
C TYR A 440 -5.12 -18.39 3.12
N ASP A 441 -4.50 -18.23 4.30
CA ASP A 441 -5.20 -18.58 5.52
C ASP A 441 -6.27 -17.55 5.92
N SER A 442 -6.21 -16.32 5.39
CA SER A 442 -7.28 -15.36 5.69
C SER A 442 -8.45 -15.48 4.69
N TYR A 443 -8.12 -15.73 3.42
CA TYR A 443 -9.13 -15.78 2.37
C TYR A 443 -10.03 -16.99 2.61
N ARG A 444 -9.46 -18.07 3.15
CA ARG A 444 -10.26 -19.31 3.39
C ARG A 444 -10.92 -19.31 4.76
N ALA A 445 -10.72 -18.27 5.57
CA ALA A 445 -11.28 -18.24 6.91
C ALA A 445 -12.67 -17.64 6.89
N ALA A 446 -13.69 -18.40 7.24
CA ALA A 446 -15.04 -17.82 7.26
C ALA A 446 -15.20 -16.77 8.33
N VAL A 447 -14.50 -16.97 9.43
CA VAL A 447 -14.50 -15.98 10.50
C VAL A 447 -13.06 -15.57 10.83
N LEU A 448 -12.84 -14.26 10.86
CA LEU A 448 -11.54 -13.67 11.20
C LEU A 448 -11.72 -12.88 12.49
N PRO A 449 -10.62 -12.46 13.13
CA PRO A 449 -10.69 -11.70 14.39
C PRO A 449 -11.07 -10.25 14.26
N ALA A 450 -11.60 -9.91 13.09
CA ALA A 450 -12.12 -8.56 12.84
C ALA A 450 -13.40 -8.34 13.68
N ASN A 451 -13.98 -9.41 14.25
CA ASN A 451 -15.08 -9.15 15.17
C ASN A 451 -14.57 -8.31 16.35
N LEU A 452 -13.36 -8.59 16.86
CA LEU A 452 -12.77 -7.85 17.99
C LEU A 452 -12.43 -6.42 17.56
N ILE A 453 -11.93 -6.29 16.32
CA ILE A 453 -11.60 -4.96 15.79
C ILE A 453 -12.88 -4.11 15.74
N GLN A 454 -13.98 -4.69 15.26
CA GLN A 454 -15.26 -3.94 15.19
C GLN A 454 -15.76 -3.61 16.61
N ALA A 455 -15.60 -4.53 17.55
CA ALA A 455 -16.00 -4.22 18.93
C ALA A 455 -15.20 -3.04 19.48
N GLN A 456 -13.90 -2.99 19.19
CA GLN A 456 -13.05 -1.93 19.72
C GLN A 456 -13.47 -0.59 19.11
N ARG A 457 -13.67 -0.61 17.80
CA ARG A 457 -14.09 0.64 17.14
C ARG A 457 -15.46 1.11 17.70
N ASP A 458 -16.35 0.18 18.06
CA ASP A 458 -17.63 0.62 18.61
C ASP A 458 -17.41 1.09 20.02
N TYR A 459 -16.54 0.40 20.77
CA TYR A 459 -16.23 0.84 22.11
C TYR A 459 -15.64 2.24 22.15
N PHE A 460 -14.58 2.52 21.40
CA PHE A 460 -13.97 3.85 21.56
C PHE A 460 -14.55 4.90 20.69
N GLY A 461 -15.16 4.55 19.55
CA GLY A 461 -15.65 5.57 18.64
C GLY A 461 -17.11 5.50 18.28
N ALA A 462 -17.86 4.58 18.90
CA ALA A 462 -19.28 4.40 18.58
C ALA A 462 -19.52 4.24 17.07
N HIS A 463 -18.60 3.49 16.43
CA HIS A 463 -18.71 3.33 15.00
C HIS A 463 -19.79 2.40 14.48
N THR A 464 -20.44 1.70 15.43
CA THR A 464 -21.51 0.73 15.14
C THR A 464 -21.01 -0.57 14.52
N TYR A 465 -21.87 -1.59 14.60
CA TYR A 465 -21.50 -2.87 14.06
C TYR A 465 -22.72 -3.64 13.58
N LYS A 466 -22.48 -4.70 12.83
CA LYS A 466 -23.56 -5.54 12.37
C LYS A 466 -23.39 -6.86 13.14
N ARG A 467 -24.48 -7.64 13.15
CA ARG A 467 -24.45 -8.92 13.88
C ARG A 467 -24.66 -10.12 12.95
N ILE A 468 -24.15 -11.29 13.35
CA ILE A 468 -24.31 -12.45 12.48
C ILE A 468 -25.63 -13.19 12.74
N ASP A 469 -26.30 -12.86 13.84
CA ASP A 469 -27.57 -13.52 14.22
C ASP A 469 -28.86 -12.69 14.10
N LYS A 470 -28.73 -11.40 13.77
CA LYS A 470 -29.86 -10.48 13.61
C LYS A 470 -29.52 -9.44 12.56
N GLU A 471 -30.51 -8.98 11.82
CA GLU A 471 -30.27 -7.92 10.85
C GLU A 471 -30.20 -6.60 11.61
N GLY A 472 -29.70 -5.56 10.93
CA GLY A 472 -29.64 -4.24 11.53
C GLY A 472 -28.26 -3.74 11.93
N VAL A 473 -28.25 -2.50 12.39
CA VAL A 473 -27.02 -1.85 12.82
C VAL A 473 -27.14 -1.56 14.30
N PHE A 474 -26.05 -1.85 15.01
CA PHE A 474 -26.04 -1.76 16.46
C PHE A 474 -24.94 -0.93 17.03
N HIS A 475 -25.14 -0.47 18.25
CA HIS A 475 -24.15 0.24 19.00
C HIS A 475 -24.37 -0.21 20.44
N THR A 476 -23.29 -0.47 21.16
CA THR A 476 -23.40 -0.90 22.54
C THR A 476 -22.81 0.17 23.47
N GLU A 477 -23.41 0.33 24.64
CA GLU A 477 -22.82 1.25 25.62
C GLU A 477 -21.91 0.29 26.42
N TRP A 478 -20.64 0.26 26.03
CA TRP A 478 -19.68 -0.66 26.61
C TRP A 478 -19.28 -0.28 28.04
N LEU A 479 -19.32 1.02 28.36
CA LEU A 479 -18.94 1.52 29.68
C LEU A 479 -19.99 1.25 30.78
N ASP A 480 -21.22 0.91 30.38
CA ASP A 480 -22.26 0.59 31.36
C ASP A 480 -23.06 -0.65 30.99
N SER B 14 -25.20 37.88 24.86
CA SER B 14 -25.93 37.45 23.64
C SER B 14 -24.94 36.71 22.72
N LYS B 15 -23.64 36.86 22.93
CA LYS B 15 -22.69 36.15 22.05
C LYS B 15 -21.98 35.05 22.81
N GLN B 16 -21.55 34.01 22.10
CA GLN B 16 -20.81 32.97 22.78
C GLN B 16 -19.34 33.08 22.40
N GLN B 17 -18.51 32.43 23.17
CA GLN B 17 -17.08 32.52 22.97
C GLN B 17 -16.43 31.68 21.87
N ILE B 18 -17.00 30.50 21.65
CA ILE B 18 -16.43 29.55 20.69
C ILE B 18 -17.59 28.89 19.97
N GLY B 19 -17.39 28.50 18.72
CA GLY B 19 -18.42 27.84 17.93
C GLY B 19 -17.88 26.49 17.48
N VAL B 20 -18.77 25.49 17.44
CA VAL B 20 -18.40 24.14 16.94
C VAL B 20 -19.40 23.72 15.86
N VAL B 21 -18.88 23.35 14.69
CA VAL B 21 -19.69 22.88 13.56
C VAL B 21 -19.44 21.38 13.43
N GLY B 22 -20.55 20.62 13.51
CA GLY B 22 -20.46 19.17 13.34
C GLY B 22 -20.79 18.52 14.66
N MET B 23 -22.02 17.97 14.71
CA MET B 23 -22.53 17.37 15.92
C MET B 23 -22.63 15.86 15.96
N ALA B 24 -21.79 15.22 15.14
CA ALA B 24 -21.65 13.77 15.23
C ALA B 24 -20.84 13.46 16.52
N VAL B 25 -20.46 12.20 16.72
CA VAL B 25 -19.79 11.85 17.96
C VAL B 25 -18.65 12.70 18.48
N MET B 26 -17.64 12.91 17.65
CA MET B 26 -16.49 13.66 18.12
C MET B 26 -16.83 15.13 18.33
N GLY B 27 -17.54 15.70 17.37
CA GLY B 27 -17.88 17.11 17.48
C GLY B 27 -18.76 17.43 18.67
N ARG B 28 -19.82 16.68 18.90
CA ARG B 28 -20.64 17.04 20.04
C ARG B 28 -19.88 16.90 21.35
N ASN B 29 -19.05 15.89 21.45
CA ASN B 29 -18.26 15.71 22.66
C ASN B 29 -17.18 16.77 22.84
N LEU B 30 -16.61 17.24 21.74
CA LEU B 30 -15.66 18.36 21.88
C LEU B 30 -16.40 19.63 22.31
N ALA B 31 -17.62 19.84 21.84
CA ALA B 31 -18.37 20.99 22.28
C ALA B 31 -18.63 20.89 23.77
N LEU B 32 -19.01 19.69 24.22
CA LEU B 32 -19.25 19.49 25.70
C LEU B 32 -17.95 19.63 26.47
N ASN B 33 -16.83 19.21 25.87
CA ASN B 33 -15.55 19.36 26.55
C ASN B 33 -15.27 20.85 26.77
N ILE B 34 -15.36 21.65 25.70
CA ILE B 34 -15.12 23.09 25.78
C ILE B 34 -16.08 23.71 26.81
N GLU B 35 -17.35 23.32 26.76
CA GLU B 35 -18.32 23.94 27.69
C GLU B 35 -17.93 23.60 29.12
N SER B 36 -17.44 22.38 29.34
CA SER B 36 -17.09 21.93 30.71
C SER B 36 -15.98 22.76 31.32
N ARG B 37 -15.18 23.48 30.51
CA ARG B 37 -14.12 24.33 31.00
C ARG B 37 -14.62 25.73 31.33
N GLY B 38 -15.91 25.98 31.16
CA GLY B 38 -16.38 27.32 31.48
C GLY B 38 -16.71 28.23 30.36
N TYR B 39 -16.50 27.74 29.14
CA TYR B 39 -16.81 28.54 27.95
C TYR B 39 -18.29 28.40 27.51
N THR B 40 -18.81 29.43 26.86
CA THR B 40 -20.18 29.38 26.29
C THR B 40 -19.89 29.01 24.82
N VAL B 41 -20.75 28.16 24.30
CA VAL B 41 -20.46 27.56 23.01
C VAL B 41 -21.67 27.58 22.10
N SER B 42 -21.47 28.04 20.86
CA SER B 42 -22.52 27.98 19.84
C SER B 42 -22.25 26.65 19.10
N ILE B 43 -23.34 25.98 18.74
CA ILE B 43 -23.23 24.77 17.93
C ILE B 43 -24.11 24.83 16.70
N PHE B 44 -23.65 24.13 15.66
CA PHE B 44 -24.40 24.04 14.40
C PHE B 44 -24.13 22.72 13.75
N ASN B 45 -25.15 22.16 13.07
CA ASN B 45 -24.94 20.91 12.33
C ASN B 45 -25.83 21.03 11.09
N ARG B 46 -25.34 20.58 9.92
CA ARG B 46 -26.17 20.66 8.72
C ARG B 46 -27.51 19.93 8.91
N SER B 47 -27.50 18.73 9.49
CA SER B 47 -28.75 17.98 9.81
C SER B 47 -29.15 18.61 11.13
N ARG B 48 -30.07 19.57 10.98
CA ARG B 48 -30.57 20.41 12.05
C ARG B 48 -31.16 19.61 13.16
N GLU B 49 -31.66 18.42 12.85
CA GLU B 49 -32.25 17.61 13.92
C GLU B 49 -31.20 17.03 14.89
N LYS B 50 -29.93 16.93 14.50
CA LYS B 50 -28.89 16.42 15.42
C LYS B 50 -28.54 17.53 16.48
N THR B 51 -28.57 18.80 16.05
CA THR B 51 -28.38 19.97 16.95
C THR B 51 -29.47 19.89 18.03
N GLU B 52 -30.71 19.70 17.59
CA GLU B 52 -31.84 19.63 18.55
C GLU B 52 -31.60 18.58 19.58
N GLU B 53 -31.11 17.44 19.13
CA GLU B 53 -30.85 16.35 20.03
C GLU B 53 -29.75 16.64 21.05
N VAL B 54 -28.66 17.26 20.61
CA VAL B 54 -27.62 17.58 21.55
C VAL B 54 -28.14 18.53 22.68
N ILE B 55 -28.97 19.47 22.29
CA ILE B 55 -29.54 20.40 23.30
C ILE B 55 -30.46 19.61 24.30
N ALA B 56 -31.29 18.74 23.76
CA ALA B 56 -32.22 17.95 24.60
C ALA B 56 -31.48 17.03 25.56
N GLU B 57 -30.37 16.48 25.12
CA GLU B 57 -29.59 15.58 25.95
C GLU B 57 -28.69 16.26 26.94
N ASN B 58 -28.49 17.58 26.78
CA ASN B 58 -27.55 18.22 27.69
C ASN B 58 -28.08 19.43 28.38
N PRO B 59 -29.22 19.24 29.05
CA PRO B 59 -29.82 20.36 29.77
C PRO B 59 -28.81 20.86 30.80
N GLY B 60 -28.78 22.16 31.04
CA GLY B 60 -27.88 22.68 32.05
C GLY B 60 -26.51 23.01 31.54
N LYS B 61 -26.23 22.74 30.28
CA LYS B 61 -24.90 23.08 29.74
C LYS B 61 -25.06 24.37 28.89
N LYS B 62 -24.05 25.21 28.85
CA LYS B 62 -24.12 26.47 28.12
C LYS B 62 -23.77 26.30 26.66
N LEU B 63 -24.61 25.50 26.00
CA LEU B 63 -24.54 25.26 24.57
C LEU B 63 -25.74 26.02 23.98
N VAL B 64 -25.52 26.74 22.91
CA VAL B 64 -26.61 27.48 22.29
C VAL B 64 -26.67 26.99 20.86
N PRO B 65 -27.81 26.47 20.43
CA PRO B 65 -27.99 25.95 19.07
C PRO B 65 -28.33 27.00 18.05
N TYR B 66 -27.82 26.81 16.84
CA TYR B 66 -28.14 27.70 15.71
C TYR B 66 -28.59 26.84 14.54
N TYR B 67 -29.51 27.40 13.76
CA TYR B 67 -30.13 26.64 12.69
C TYR B 67 -29.94 27.20 11.32
N THR B 68 -29.14 28.25 11.24
CA THR B 68 -28.68 28.73 9.93
C THR B 68 -27.20 29.09 10.15
N VAL B 69 -26.40 28.98 9.09
CA VAL B 69 -24.97 29.32 9.22
C VAL B 69 -24.75 30.81 9.53
N LYS B 70 -25.53 31.68 8.92
CA LYS B 70 -25.43 33.11 9.17
C LYS B 70 -25.63 33.39 10.67
N GLU B 71 -26.66 32.81 11.29
CA GLU B 71 -26.89 33.10 12.69
C GLU B 71 -25.81 32.50 13.58
N PHE B 72 -25.34 31.28 13.24
CA PHE B 72 -24.23 30.67 13.99
C PHE B 72 -23.02 31.58 13.97
N VAL B 73 -22.63 32.03 12.79
CA VAL B 73 -21.42 32.88 12.74
C VAL B 73 -21.64 34.23 13.50
N GLU B 74 -22.83 34.85 13.35
CA GLU B 74 -23.08 36.13 14.02
C GLU B 74 -23.15 36.03 15.50
N SER B 75 -23.38 34.80 16.01
CA SER B 75 -23.47 34.60 17.43
C SER B 75 -22.13 34.59 18.16
N LEU B 76 -21.04 34.68 17.41
CA LEU B 76 -19.74 34.56 18.04
C LEU B 76 -18.98 35.86 18.32
N GLU B 77 -18.33 35.90 19.48
CA GLU B 77 -17.43 37.01 19.87
C GLU B 77 -16.32 37.07 18.80
N THR B 78 -15.92 38.29 18.43
CA THR B 78 -14.89 38.48 17.42
C THR B 78 -13.58 38.84 18.12
N PRO B 79 -12.45 38.38 17.61
CA PRO B 79 -12.24 37.52 16.42
C PRO B 79 -12.84 36.16 16.76
N ARG B 80 -13.51 35.61 15.78
CA ARG B 80 -14.20 34.36 16.04
C ARG B 80 -13.28 33.17 16.11
N ARG B 81 -13.71 32.20 16.89
CA ARG B 81 -12.95 30.90 17.02
C ARG B 81 -14.00 29.86 16.65
N ILE B 82 -13.78 29.22 15.52
CA ILE B 82 -14.73 28.18 15.05
C ILE B 82 -14.01 26.86 14.83
N LEU B 83 -14.44 25.84 15.54
CA LEU B 83 -13.93 24.49 15.38
C LEU B 83 -14.82 23.66 14.48
N LEU B 84 -14.28 23.10 13.40
CA LEU B 84 -15.04 22.20 12.53
C LEU B 84 -14.66 20.78 12.80
N MET B 85 -15.67 19.95 13.01
CA MET B 85 -15.52 18.51 13.22
C MET B 85 -16.46 17.83 12.24
N VAL B 86 -16.15 17.98 10.96
CA VAL B 86 -16.99 17.49 9.87
C VAL B 86 -16.31 16.36 9.09
N LYS B 87 -17.13 15.57 8.41
CA LYS B 87 -16.63 14.46 7.57
C LYS B 87 -15.52 14.94 6.60
N ALA B 88 -14.46 14.12 6.51
CA ALA B 88 -13.34 14.45 5.66
C ALA B 88 -13.73 14.57 4.20
N GLY B 89 -13.08 15.50 3.52
CA GLY B 89 -13.28 15.66 2.08
C GLY B 89 -14.31 16.69 1.71
N ALA B 90 -15.26 16.29 0.85
CA ALA B 90 -16.28 17.23 0.37
C ALA B 90 -17.01 18.01 1.46
N GLY B 91 -17.42 17.27 2.48
CA GLY B 91 -18.16 17.81 3.61
C GLY B 91 -17.42 18.96 4.29
N THR B 92 -16.15 18.78 4.59
CA THR B 92 -15.39 19.84 5.25
C THR B 92 -15.23 21.03 4.31
N ASP B 93 -14.96 20.78 3.01
CA ASP B 93 -14.82 21.86 2.06
C ASP B 93 -16.14 22.66 2.00
N ALA B 94 -17.27 21.96 2.07
CA ALA B 94 -18.57 22.65 1.98
C ALA B 94 -18.82 23.49 3.21
N ALA B 95 -18.49 22.95 4.37
CA ALA B 95 -18.74 23.69 5.63
C ALA B 95 -17.90 24.93 5.64
N ILE B 96 -16.66 24.79 5.23
CA ILE B 96 -15.82 25.97 5.21
C ILE B 96 -16.32 27.00 4.21
N ASP B 97 -16.69 26.55 3.01
CA ASP B 97 -17.19 27.48 1.99
C ASP B 97 -18.48 28.16 2.43
N SER B 98 -19.31 27.48 3.24
CA SER B 98 -20.56 28.10 3.75
C SER B 98 -20.26 29.16 4.77
N LEU B 99 -19.24 28.92 5.61
CA LEU B 99 -18.93 29.94 6.62
C LEU B 99 -18.31 31.23 6.08
N LYS B 100 -17.45 31.03 5.07
CA LYS B 100 -16.62 32.13 4.56
C LYS B 100 -17.27 33.49 4.34
N PRO B 101 -18.39 33.56 3.60
CA PRO B 101 -18.99 34.88 3.38
C PRO B 101 -19.42 35.66 4.56
N TYR B 102 -19.64 34.94 5.68
CA TYR B 102 -20.05 35.55 6.91
C TYR B 102 -18.92 35.97 7.85
N LEU B 103 -17.72 35.46 7.58
CA LEU B 103 -16.59 35.75 8.47
C LEU B 103 -16.00 37.11 8.31
N ASP B 104 -15.23 37.50 9.32
CA ASP B 104 -14.44 38.73 9.26
C ASP B 104 -12.98 38.37 9.11
N LYS B 105 -12.19 39.23 8.46
CA LYS B 105 -10.74 38.98 8.41
C LYS B 105 -10.24 38.87 9.84
N GLY B 106 -9.30 37.94 10.07
CA GLY B 106 -8.76 37.75 11.41
C GLY B 106 -9.48 36.60 12.17
N ASP B 107 -10.64 36.19 11.67
CA ASP B 107 -11.33 35.06 12.34
C ASP B 107 -10.47 33.82 12.24
N ILE B 108 -10.70 32.93 13.22
CA ILE B 108 -9.88 31.72 13.40
C ILE B 108 -10.69 30.47 13.09
N ILE B 109 -10.20 29.71 12.13
CA ILE B 109 -10.91 28.49 11.68
C ILE B 109 -10.01 27.29 12.08
N ILE B 110 -10.53 26.34 12.87
CA ILE B 110 -9.75 25.18 13.29
C ILE B 110 -10.42 23.96 12.68
N ASP B 111 -9.73 23.26 11.75
CA ASP B 111 -10.33 22.03 11.20
C ASP B 111 -9.77 20.90 12.04
N GLY B 112 -10.63 20.35 12.93
CA GLY B 112 -10.23 19.25 13.78
C GLY B 112 -10.59 17.90 13.25
N GLY B 113 -11.06 17.84 12.01
CA GLY B 113 -11.46 16.52 11.50
C GLY B 113 -10.28 15.70 11.04
N ASN B 114 -10.49 14.43 10.65
CA ASN B 114 -9.38 13.62 10.12
C ASN B 114 -9.21 13.91 8.63
N THR B 115 -8.79 15.14 8.36
CA THR B 115 -8.63 15.62 7.00
C THR B 115 -7.32 15.15 6.38
N PHE B 116 -7.38 14.79 5.10
CA PHE B 116 -6.14 14.38 4.43
C PHE B 116 -5.17 15.56 4.39
N PHE B 117 -3.91 15.32 4.75
CA PHE B 117 -3.00 16.44 4.88
C PHE B 117 -2.79 17.30 3.69
N GLN B 118 -2.88 16.75 2.48
CA GLN B 118 -2.70 17.66 1.31
C GLN B 118 -3.84 18.64 1.23
N ASP B 119 -5.04 18.24 1.66
CA ASP B 119 -6.16 19.19 1.64
C ASP B 119 -5.83 20.31 2.62
N THR B 120 -5.20 20.00 3.76
CA THR B 120 -4.87 21.02 4.72
C THR B 120 -3.78 21.96 4.21
N ILE B 121 -2.83 21.43 3.45
CA ILE B 121 -1.81 22.32 2.90
C ILE B 121 -2.48 23.31 1.95
N ARG B 122 -3.38 22.83 1.13
CA ARG B 122 -4.06 23.76 0.19
C ARG B 122 -4.93 24.76 0.94
N ARG B 123 -5.71 24.28 1.90
CA ARG B 123 -6.60 25.15 2.65
C ARG B 123 -5.81 26.18 3.46
N ASN B 124 -4.70 25.75 4.04
CA ASN B 124 -3.93 26.70 4.83
C ASN B 124 -3.45 27.81 3.91
N ARG B 125 -3.08 27.44 2.69
CA ARG B 125 -2.58 28.51 1.80
C ARG B 125 -3.72 29.45 1.42
N GLU B 126 -4.85 28.88 1.04
CA GLU B 126 -6.01 29.68 0.59
C GLU B 126 -6.59 30.54 1.68
N LEU B 127 -6.85 29.94 2.81
CA LEU B 127 -7.45 30.72 3.89
C LEU B 127 -6.49 31.74 4.48
N SER B 128 -5.21 31.44 4.54
CA SER B 128 -4.26 32.41 5.06
C SER B 128 -4.24 33.61 4.12
N ALA B 129 -4.27 33.35 2.80
CA ALA B 129 -4.22 34.44 1.80
C ALA B 129 -5.45 35.32 1.92
N GLU B 130 -6.55 34.73 2.34
CA GLU B 130 -7.84 35.41 2.48
C GLU B 130 -7.96 36.18 3.77
N GLY B 131 -6.94 36.09 4.61
CA GLY B 131 -6.89 36.81 5.87
C GLY B 131 -7.41 36.09 7.10
N PHE B 132 -7.61 34.78 6.99
CA PHE B 132 -8.04 34.08 8.19
C PHE B 132 -6.88 33.38 8.92
N ASN B 133 -7.06 33.07 10.21
CA ASN B 133 -6.04 32.36 10.94
C ASN B 133 -6.49 30.91 10.94
N PHE B 134 -5.74 30.03 10.28
CA PHE B 134 -6.19 28.67 10.16
C PHE B 134 -5.30 27.68 10.86
N ILE B 135 -5.95 26.67 11.46
CA ILE B 135 -5.22 25.60 12.09
C ILE B 135 -5.84 24.27 11.65
N GLY B 136 -5.04 23.37 11.07
CA GLY B 136 -5.53 22.02 10.76
C GLY B 136 -4.97 21.18 11.90
N THR B 137 -5.86 20.61 12.68
CA THR B 137 -5.37 19.85 13.84
C THR B 137 -5.96 18.46 13.93
N GLY B 138 -5.09 17.51 14.31
CA GLY B 138 -5.64 16.21 14.65
C GLY B 138 -6.22 16.29 16.07
N VAL B 139 -7.24 15.47 16.30
CA VAL B 139 -7.84 15.36 17.67
C VAL B 139 -8.00 13.82 17.83
N SER B 140 -7.45 13.32 18.93
CA SER B 140 -7.54 11.85 19.13
C SER B 140 -7.99 11.50 20.55
N GLY B 141 -8.86 10.50 20.62
CA GLY B 141 -9.35 10.04 21.92
C GLY B 141 -10.69 9.36 21.88
N GLY B 142 -11.31 9.20 20.71
CA GLY B 142 -12.62 8.55 20.71
C GLY B 142 -13.68 9.44 21.41
N GLU B 143 -14.85 8.88 21.60
CA GLU B 143 -15.94 9.61 22.28
C GLU B 143 -15.57 10.11 23.67
N GLU B 144 -14.97 9.25 24.48
CA GLU B 144 -14.61 9.64 25.83
C GLU B 144 -13.53 10.66 25.88
N GLY B 145 -12.49 10.45 25.06
CA GLY B 145 -11.38 11.39 25.01
C GLY B 145 -11.79 12.75 24.47
N ALA B 146 -12.67 12.75 23.47
CA ALA B 146 -13.19 14.04 22.92
C ALA B 146 -13.86 14.82 24.06
N LEU B 147 -14.63 14.09 24.88
CA LEU B 147 -15.35 14.73 26.01
C LEU B 147 -14.45 15.16 27.13
N LYS B 148 -13.55 14.25 27.58
CA LYS B 148 -12.74 14.54 28.77
C LYS B 148 -11.38 15.13 28.58
N GLY B 149 -10.81 14.89 27.38
CA GLY B 149 -9.46 15.40 27.15
C GLY B 149 -8.77 14.52 26.12
N PRO B 150 -8.67 14.99 24.89
CA PRO B 150 -8.02 14.25 23.80
C PRO B 150 -6.56 14.73 23.64
N SER B 151 -5.83 14.01 22.78
CA SER B 151 -4.51 14.50 22.33
C SER B 151 -4.83 15.43 21.14
N ILE B 152 -4.18 16.58 21.07
CA ILE B 152 -4.46 17.54 20.00
C ILE B 152 -3.13 17.85 19.33
N MET B 153 -3.14 17.76 17.98
CA MET B 153 -1.92 17.91 17.21
C MET B 153 -2.14 18.93 16.11
N PRO B 154 -1.93 20.19 16.46
CA PRO B 154 -2.16 21.28 15.52
C PRO B 154 -1.00 21.72 14.61
N GLY B 155 -1.30 21.98 13.35
CA GLY B 155 -0.28 22.53 12.44
C GLY B 155 -0.83 23.78 11.78
N GLY B 156 0.07 24.60 11.24
CA GLY B 156 -0.34 25.85 10.63
C GLY B 156 0.75 26.89 10.96
N GLN B 157 0.48 28.15 10.70
CA GLN B 157 1.45 29.16 11.07
C GLN B 157 1.54 29.21 12.59
N LYS B 158 2.75 29.43 13.12
CA LYS B 158 2.91 29.51 14.56
C LYS B 158 2.06 30.63 15.19
N GLU B 159 1.91 31.76 14.53
CA GLU B 159 1.08 32.85 15.07
C GLU B 159 -0.36 32.39 15.23
N ALA B 160 -0.88 31.63 14.27
CA ALA B 160 -2.23 31.13 14.37
C ALA B 160 -2.33 30.14 15.54
N TYR B 161 -1.30 29.29 15.70
CA TYR B 161 -1.32 28.36 16.85
C TYR B 161 -1.38 29.13 18.18
N GLU B 162 -0.59 30.20 18.27
CA GLU B 162 -0.58 30.91 19.53
C GLU B 162 -1.92 31.55 19.89
N LEU B 163 -2.73 31.89 18.91
CA LEU B 163 -4.06 32.43 19.19
C LEU B 163 -4.98 31.40 19.82
N VAL B 164 -4.79 30.10 19.49
CA VAL B 164 -5.69 29.06 20.01
C VAL B 164 -5.01 28.17 21.07
N ALA B 165 -3.72 28.36 21.35
CA ALA B 165 -3.05 27.49 22.33
C ALA B 165 -3.74 27.48 23.69
N PRO B 166 -4.18 28.66 24.19
CA PRO B 166 -4.82 28.58 25.52
C PRO B 166 -6.05 27.69 25.59
N ILE B 167 -6.94 27.82 24.61
CA ILE B 167 -8.13 26.99 24.66
C ILE B 167 -7.80 25.53 24.38
N LEU B 168 -6.88 25.26 23.42
CA LEU B 168 -6.52 23.87 23.16
C LEU B 168 -5.88 23.23 24.40
N THR B 169 -5.12 24.00 25.14
CA THR B 169 -4.51 23.47 26.38
C THR B 169 -5.59 23.18 27.41
N LYS B 170 -6.56 24.08 27.51
CA LYS B 170 -7.69 23.84 28.46
C LYS B 170 -8.46 22.55 28.20
N ILE B 171 -8.66 22.17 26.93
CA ILE B 171 -9.46 20.99 26.67
C ILE B 171 -8.66 19.72 26.45
N ALA B 172 -7.34 19.84 26.27
CA ALA B 172 -6.54 18.65 26.00
C ALA B 172 -6.35 17.77 27.23
N ALA B 173 -6.08 16.50 26.97
CA ALA B 173 -5.70 15.58 28.04
C ALA B 173 -4.38 16.11 28.65
N VAL B 174 -4.03 15.57 29.82
CA VAL B 174 -2.75 15.96 30.47
C VAL B 174 -2.09 14.63 30.90
N ALA B 175 -0.80 14.57 30.64
CA ALA B 175 -0.01 13.39 30.98
C ALA B 175 0.23 13.35 32.48
N GLU B 176 0.74 12.21 32.95
CA GLU B 176 1.00 12.05 34.40
C GLU B 176 1.99 13.04 34.94
N ASP B 177 2.91 13.50 34.11
CA ASP B 177 3.91 14.49 34.52
C ASP B 177 3.35 15.92 34.50
N GLY B 178 2.07 16.07 34.23
CA GLY B 178 1.52 17.40 34.18
C GLY B 178 1.56 18.11 32.84
N GLU B 179 2.20 17.50 31.83
CA GLU B 179 2.28 18.20 30.52
C GLU B 179 1.06 17.97 29.69
N PRO B 180 0.49 19.06 29.13
CA PRO B 180 -0.71 18.99 28.28
C PRO B 180 -0.37 18.18 27.04
N CYS B 181 -1.34 17.39 26.60
CA CYS B 181 -1.18 16.57 25.38
C CYS B 181 -1.56 17.36 24.13
N VAL B 182 -0.99 18.54 24.04
CA VAL B 182 -1.10 19.38 22.83
C VAL B 182 0.21 20.15 22.74
N THR B 183 0.69 20.35 21.51
CA THR B 183 1.91 21.13 21.28
C THR B 183 1.90 21.54 19.82
N TYR B 184 2.61 22.58 19.47
CA TYR B 184 2.68 22.96 18.07
C TYR B 184 3.42 21.89 17.31
N ILE B 185 2.78 21.32 16.28
CA ILE B 185 3.43 20.24 15.57
C ILE B 185 4.36 20.76 14.49
N GLY B 186 3.87 21.71 13.70
CA GLY B 186 4.66 22.21 12.58
C GLY B 186 3.77 22.95 11.61
N ALA B 187 4.36 23.36 10.48
CA ALA B 187 3.68 24.15 9.47
C ALA B 187 2.61 23.41 8.67
N ASP B 188 1.74 24.21 8.08
CA ASP B 188 0.72 23.73 7.18
C ASP B 188 0.06 22.40 7.58
N GLY B 189 0.29 21.34 6.81
CA GLY B 189 -0.44 20.06 7.06
C GLY B 189 0.21 19.11 8.04
N ALA B 190 1.21 19.53 8.77
CA ALA B 190 1.95 18.65 9.65
C ALA B 190 1.06 18.03 10.73
N GLY B 191 0.15 18.83 11.34
CA GLY B 191 -0.72 18.29 12.40
C GLY B 191 -1.63 17.18 11.86
N HIS B 192 -2.26 17.39 10.72
CA HIS B 192 -3.12 16.32 10.17
C HIS B 192 -2.27 15.15 9.70
N TYR B 193 -1.04 15.39 9.27
CA TYR B 193 -0.23 14.23 8.86
C TYR B 193 0.08 13.39 10.12
N VAL B 194 0.45 14.02 11.24
CA VAL B 194 0.70 13.27 12.49
C VAL B 194 -0.57 12.54 12.93
N LYS B 195 -1.76 13.13 12.79
CA LYS B 195 -2.97 12.41 13.17
C LYS B 195 -3.16 11.20 12.28
N MET B 196 -2.91 11.33 10.98
CA MET B 196 -3.02 10.20 10.08
C MET B 196 -2.10 9.06 10.56
N VAL B 197 -0.82 9.34 10.89
CA VAL B 197 0.09 8.29 11.34
C VAL B 197 -0.38 7.74 12.71
N HIS B 198 -0.92 8.60 13.59
CA HIS B 198 -1.46 8.03 14.85
C HIS B 198 -2.48 6.96 14.48
N ASN B 199 -3.40 7.26 13.53
CA ASN B 199 -4.43 6.29 13.15
C ASN B 199 -3.83 5.08 12.47
N GLY B 200 -2.80 5.24 11.63
CA GLY B 200 -2.17 4.06 11.07
C GLY B 200 -1.60 3.19 12.22
N ILE B 201 -0.94 3.82 13.20
CA ILE B 201 -0.33 3.04 14.31
C ILE B 201 -1.48 2.37 15.05
N GLU B 202 -2.59 3.08 15.24
CA GLU B 202 -3.77 2.46 15.91
C GLU B 202 -4.27 1.24 15.14
N TYR B 203 -4.34 1.28 13.79
CA TYR B 203 -4.77 0.12 13.03
C TYR B 203 -3.80 -1.02 13.30
N GLY B 204 -2.51 -0.72 13.38
CA GLY B 204 -1.55 -1.81 13.59
C GLY B 204 -1.69 -2.40 14.97
N ASP B 205 -1.99 -1.57 15.94
CA ASP B 205 -2.11 -2.12 17.32
C ASP B 205 -3.33 -2.99 17.45
N MET B 206 -4.39 -2.64 16.74
CA MET B 206 -5.60 -3.44 16.75
C MET B 206 -5.39 -4.72 16.03
N GLN B 207 -4.71 -4.70 14.89
CA GLN B 207 -4.47 -5.96 14.19
C GLN B 207 -3.50 -6.87 14.98
N LEU B 208 -2.46 -6.28 15.58
CA LEU B 208 -1.57 -7.13 16.43
C LEU B 208 -2.41 -7.81 17.54
N ILE B 209 -3.26 -7.07 18.25
CA ILE B 209 -4.11 -7.64 19.30
C ILE B 209 -5.05 -8.71 18.67
N ALA B 210 -5.55 -8.45 17.46
CA ALA B 210 -6.45 -9.42 16.83
C ALA B 210 -5.71 -10.73 16.56
N GLU B 211 -4.44 -10.67 16.17
CA GLU B 211 -3.71 -11.89 15.92
C GLU B 211 -3.43 -12.60 17.27
N ALA B 212 -3.12 -11.84 18.32
CA ALA B 212 -2.91 -12.48 19.62
C ALA B 212 -4.19 -13.19 19.99
N TYR B 213 -5.34 -12.53 19.83
CA TYR B 213 -6.63 -13.18 20.12
C TYR B 213 -6.79 -14.46 19.30
N SER B 214 -6.50 -14.41 18.01
CA SER B 214 -6.67 -15.58 17.14
C SER B 214 -5.80 -16.73 17.63
N LEU B 215 -4.58 -16.40 18.03
CA LEU B 215 -3.63 -17.42 18.49
C LEU B 215 -4.09 -18.04 19.78
N LEU B 216 -4.52 -17.24 20.72
CA LEU B 216 -4.95 -17.79 22.03
C LEU B 216 -6.25 -18.56 21.86
N LYS B 217 -7.18 -18.09 21.03
CA LYS B 217 -8.42 -18.81 20.89
C LYS B 217 -8.21 -20.05 20.04
N GLY B 218 -7.48 -19.95 18.93
CA GLY B 218 -7.27 -21.12 18.08
C GLY B 218 -6.21 -22.12 18.54
N GLY B 219 -5.17 -21.65 19.20
CA GLY B 219 -4.11 -22.54 19.64
C GLY B 219 -4.36 -23.17 20.99
N LEU B 220 -4.97 -22.42 21.90
CA LEU B 220 -5.21 -22.94 23.23
C LEU B 220 -6.68 -23.17 23.53
N ASN B 221 -7.55 -22.79 22.61
CA ASN B 221 -8.99 -22.91 22.85
C ASN B 221 -9.42 -22.16 24.10
N LEU B 222 -8.83 -20.98 24.36
CA LEU B 222 -9.24 -20.22 25.53
C LEU B 222 -10.69 -19.74 25.39
N THR B 223 -11.41 -19.76 26.50
CA THR B 223 -12.76 -19.24 26.51
C THR B 223 -12.67 -17.72 26.58
N ASN B 224 -13.80 -17.05 26.41
CA ASN B 224 -13.79 -15.58 26.51
C ASN B 224 -13.41 -15.10 27.89
N GLU B 225 -13.78 -15.82 28.96
CA GLU B 225 -13.35 -15.40 30.29
C GLU B 225 -11.82 -15.54 30.42
N GLU B 226 -11.25 -16.60 29.84
CA GLU B 226 -9.82 -16.84 29.91
C GLU B 226 -9.09 -15.78 29.06
N LEU B 227 -9.72 -15.41 27.95
CA LEU B 227 -9.11 -14.32 27.12
C LEU B 227 -9.15 -13.02 27.93
N ALA B 228 -10.30 -12.69 28.52
CA ALA B 228 -10.37 -11.52 29.37
C ALA B 228 -9.32 -11.56 30.47
N GLN B 229 -9.16 -12.71 31.12
CA GLN B 229 -8.16 -12.83 32.14
C GLN B 229 -6.72 -12.61 31.64
N THR B 230 -6.43 -13.15 30.45
CA THR B 230 -5.10 -13.03 29.88
C THR B 230 -4.83 -11.59 29.56
N PHE B 231 -5.79 -10.93 28.92
CA PHE B 231 -5.53 -9.50 28.59
C PHE B 231 -5.44 -8.64 29.82
N THR B 232 -6.16 -9.03 30.88
CA THR B 232 -6.07 -8.25 32.12
C THR B 232 -4.63 -8.34 32.66
N GLU B 233 -4.03 -9.56 32.64
CA GLU B 233 -2.67 -9.72 33.15
C GLU B 233 -1.68 -8.95 32.29
N TRP B 234 -1.84 -9.02 30.97
CA TRP B 234 -0.92 -8.30 30.10
C TRP B 234 -1.02 -6.82 30.35
N ASN B 235 -2.24 -6.36 30.64
CA ASN B 235 -2.46 -4.92 30.92
C ASN B 235 -1.79 -4.42 32.20
N ASN B 236 -1.36 -5.34 33.06
CA ASN B 236 -0.69 -4.94 34.31
C ASN B 236 0.80 -4.83 34.13
N GLY B 237 1.29 -5.16 32.93
CA GLY B 237 2.72 -5.10 32.69
C GLY B 237 3.15 -4.15 31.59
N GLU B 238 4.26 -4.47 30.91
CA GLU B 238 4.79 -3.54 29.90
C GLU B 238 3.80 -3.27 28.74
N LEU B 239 2.85 -4.17 28.51
CA LEU B 239 1.88 -3.98 27.43
C LEU B 239 0.73 -3.09 27.81
N SER B 240 0.67 -2.60 29.05
CA SER B 240 -0.45 -1.77 29.44
C SER B 240 -0.74 -0.67 28.42
N SER B 241 -2.00 -0.60 28.02
CA SER B 241 -2.40 0.42 27.07
C SER B 241 -3.91 0.52 27.11
N TYR B 242 -4.40 1.62 26.58
CA TYR B 242 -5.86 1.78 26.51
C TYR B 242 -6.46 0.67 25.63
N LEU B 243 -5.85 0.33 24.50
CA LEU B 243 -6.46 -0.70 23.67
C LEU B 243 -6.49 -2.10 24.31
N ILE B 244 -5.46 -2.43 25.07
CA ILE B 244 -5.49 -3.72 25.75
C ILE B 244 -6.54 -3.65 26.89
N ASP B 245 -6.61 -2.51 27.55
CA ASP B 245 -7.55 -2.34 28.68
C ASP B 245 -8.97 -2.51 28.16
N ILE B 246 -9.31 -1.86 27.03
CA ILE B 246 -10.68 -2.08 26.57
C ILE B 246 -10.92 -3.50 26.02
N THR B 247 -9.88 -4.15 25.49
CA THR B 247 -10.04 -5.51 24.96
C THR B 247 -10.43 -6.43 26.12
N LYS B 248 -9.81 -6.25 27.29
CA LYS B 248 -10.11 -7.11 28.45
C LYS B 248 -11.59 -7.00 28.82
N ASP B 249 -12.16 -5.81 28.66
CA ASP B 249 -13.58 -5.58 28.95
C ASP B 249 -14.47 -6.20 27.93
N ILE B 250 -14.09 -6.09 26.65
CA ILE B 250 -14.91 -6.56 25.59
C ILE B 250 -15.15 -8.04 25.71
N PHE B 251 -14.15 -8.77 26.19
CA PHE B 251 -14.30 -10.21 26.26
C PHE B 251 -15.27 -10.69 27.31
N THR B 252 -15.72 -9.81 28.20
CA THR B 252 -16.74 -10.33 29.17
C THR B 252 -18.10 -9.68 28.95
N LYS B 253 -18.21 -8.81 27.93
CA LYS B 253 -19.48 -8.11 27.68
C LYS B 253 -20.55 -8.99 27.07
N LYS B 254 -21.71 -9.05 27.72
CA LYS B 254 -22.81 -9.85 27.21
C LYS B 254 -24.00 -9.01 26.76
N ASP B 255 -24.78 -9.51 25.81
CA ASP B 255 -25.97 -8.76 25.40
C ASP B 255 -27.11 -9.21 26.35
N GLU B 256 -28.30 -8.63 26.22
CA GLU B 256 -29.42 -8.98 27.10
C GLU B 256 -29.81 -10.45 27.01
N ASP B 257 -29.46 -11.11 25.91
CA ASP B 257 -29.78 -12.52 25.74
C ASP B 257 -28.73 -13.45 26.38
N GLY B 258 -27.68 -12.86 26.96
CA GLY B 258 -26.63 -13.66 27.58
C GLY B 258 -25.52 -14.07 26.60
N ASN B 259 -25.62 -13.61 25.35
CA ASN B 259 -24.60 -13.90 24.32
C ASN B 259 -23.40 -13.03 24.58
N TYR B 260 -22.20 -13.57 24.36
CA TYR B 260 -20.98 -12.74 24.49
C TYR B 260 -21.04 -11.91 23.19
N LEU B 261 -21.08 -10.61 23.34
CA LEU B 261 -21.17 -9.71 22.18
C LEU B 261 -20.08 -9.97 21.15
N VAL B 262 -18.88 -10.24 21.61
CA VAL B 262 -17.81 -10.39 20.65
C VAL B 262 -18.04 -11.55 19.68
N ASP B 263 -18.82 -12.56 20.07
CA ASP B 263 -19.04 -13.67 19.13
C ASP B 263 -20.20 -13.54 18.17
N VAL B 264 -20.99 -12.47 18.32
CA VAL B 264 -22.07 -12.27 17.38
C VAL B 264 -21.85 -11.02 16.54
N ILE B 265 -20.73 -10.32 16.81
CA ILE B 265 -20.41 -9.17 15.98
C ILE B 265 -19.88 -9.63 14.63
N LEU B 266 -20.39 -9.07 13.52
CA LEU B 266 -19.96 -9.47 12.16
C LEU B 266 -18.47 -9.04 11.99
N ASP B 267 -17.65 -9.97 11.52
CA ASP B 267 -16.20 -9.76 11.36
C ASP B 267 -15.83 -9.06 10.06
N GLU B 268 -16.42 -7.88 9.83
CA GLU B 268 -16.07 -7.06 8.67
C GLU B 268 -15.57 -5.78 9.27
N ALA B 269 -14.24 -5.52 9.27
CA ALA B 269 -13.76 -4.31 9.90
C ALA B 269 -13.82 -3.21 8.87
N ALA B 270 -14.52 -2.14 9.22
CA ALA B 270 -14.68 -0.99 8.37
C ALA B 270 -13.46 -0.08 8.55
N ASN B 271 -13.33 0.90 7.68
CA ASN B 271 -12.23 1.86 7.79
C ASN B 271 -12.70 3.19 7.18
N LYS B 272 -12.23 4.30 7.76
CA LYS B 272 -12.68 5.61 7.22
C LYS B 272 -11.58 6.40 6.50
N GLY B 273 -10.55 5.70 6.04
CA GLY B 273 -9.51 6.35 5.22
C GLY B 273 -8.13 6.62 5.80
N THR B 274 -7.99 6.88 7.08
CA THR B 274 -6.68 7.32 7.55
C THR B 274 -5.60 6.24 7.48
N GLY B 275 -5.95 4.99 7.78
CA GLY B 275 -4.95 3.95 7.68
C GLY B 275 -4.53 3.81 6.21
N LYS B 276 -5.49 3.78 5.31
CA LYS B 276 -5.19 3.70 3.86
C LYS B 276 -4.25 4.83 3.47
N TRP B 277 -4.59 6.04 3.92
CA TRP B 277 -3.69 7.19 3.57
C TRP B 277 -2.30 7.01 4.11
N THR B 278 -2.16 6.42 5.31
CA THR B 278 -0.82 6.26 5.87
C THR B 278 0.01 5.36 4.95
N SER B 279 -0.58 4.25 4.49
CA SER B 279 0.15 3.30 3.62
C SER B 279 0.40 3.94 2.24
N GLN B 280 -0.57 4.72 1.74
CA GLN B 280 -0.32 5.39 0.44
C GLN B 280 0.83 6.39 0.58
N SER B 281 0.98 7.04 1.74
CA SER B 281 2.08 7.94 1.95
C SER B 281 3.42 7.18 2.10
N ALA B 282 3.41 6.05 2.79
CA ALA B 282 4.61 5.22 2.86
C ALA B 282 5.06 4.91 1.42
N LEU B 283 4.12 4.56 0.55
CA LEU B 283 4.45 4.20 -0.82
C LEU B 283 5.04 5.41 -1.54
N ASP B 284 4.48 6.62 -1.32
CA ASP B 284 5.05 7.80 -1.96
C ASP B 284 6.43 8.15 -1.42
N LEU B 285 6.66 7.93 -0.14
CA LEU B 285 7.91 8.34 0.53
C LEU B 285 9.03 7.31 0.50
N GLY B 286 8.75 6.11 -0.03
CA GLY B 286 9.77 5.03 -0.07
C GLY B 286 10.02 4.36 1.27
N GLU B 287 9.00 4.38 2.16
CA GLU B 287 9.15 3.79 3.52
C GLU B 287 8.53 2.40 3.51
N PRO B 288 9.27 1.42 4.02
CA PRO B 288 8.76 0.03 4.03
C PRO B 288 7.81 -0.17 5.26
N LEU B 289 6.61 0.42 5.16
CA LEU B 289 5.65 0.40 6.27
C LEU B 289 4.80 -0.84 6.22
N SER B 290 5.48 -1.96 6.34
CA SER B 290 4.70 -3.21 6.20
C SER B 290 3.68 -3.56 7.24
N LEU B 291 3.91 -3.24 8.53
CA LEU B 291 2.94 -3.72 9.51
C LEU B 291 1.63 -3.00 9.41
N ILE B 292 1.68 -1.66 9.44
CA ILE B 292 0.43 -0.93 9.33
C ILE B 292 -0.23 -1.24 7.98
N THR B 293 0.55 -1.36 6.90
CA THR B 293 -0.09 -1.67 5.61
C THR B 293 -0.81 -3.04 5.66
N GLU B 294 -0.14 -4.05 6.21
CA GLU B 294 -0.83 -5.38 6.30
C GLU B 294 -2.04 -5.27 7.23
N SER B 295 -2.04 -4.34 8.19
CA SER B 295 -3.23 -4.16 9.05
C SER B 295 -4.40 -3.60 8.21
N VAL B 296 -4.11 -2.67 7.29
CA VAL B 296 -5.14 -2.15 6.42
C VAL B 296 -5.65 -3.28 5.52
N PHE B 297 -4.73 -4.06 4.92
CA PHE B 297 -5.18 -5.12 4.04
C PHE B 297 -5.97 -6.21 4.82
N ALA B 298 -5.61 -6.36 6.11
CA ALA B 298 -6.36 -7.31 6.93
C ALA B 298 -7.81 -6.83 7.08
N ARG B 299 -8.01 -5.52 7.28
CA ARG B 299 -9.38 -4.99 7.29
C ARG B 299 -10.04 -5.24 5.93
N TYR B 300 -9.33 -4.97 4.82
CA TYR B 300 -9.94 -5.17 3.49
C TYR B 300 -10.41 -6.59 3.26
N ILE B 301 -9.58 -7.56 3.63
CA ILE B 301 -9.99 -8.93 3.39
C ILE B 301 -11.08 -9.31 4.36
N SER B 302 -11.10 -8.77 5.58
CA SER B 302 -12.26 -9.11 6.44
C SER B 302 -13.53 -8.56 5.79
N SER B 303 -13.43 -7.46 5.04
CA SER B 303 -14.55 -6.88 4.36
C SER B 303 -14.95 -7.59 3.09
N LEU B 304 -14.35 -8.72 2.77
CA LEU B 304 -14.78 -9.57 1.65
C LEU B 304 -15.42 -10.85 2.29
N LYS B 305 -16.34 -10.64 3.22
CA LYS B 305 -16.93 -11.78 3.97
C LYS B 305 -17.60 -12.77 3.07
N ASP B 306 -18.36 -12.32 2.07
CA ASP B 306 -19.05 -13.33 1.23
C ASP B 306 -18.02 -14.21 0.50
N GLN B 307 -16.94 -13.58 0.02
CA GLN B 307 -15.90 -14.35 -0.65
C GLN B 307 -15.21 -15.32 0.30
N ARG B 308 -14.96 -14.88 1.54
CA ARG B 308 -14.27 -15.75 2.50
C ARG B 308 -15.20 -16.93 2.85
N VAL B 309 -16.49 -16.66 3.01
CA VAL B 309 -17.38 -17.78 3.39
C VAL B 309 -17.40 -18.77 2.24
N ALA B 310 -17.46 -18.30 0.99
CA ALA B 310 -17.45 -19.23 -0.14
C ALA B 310 -16.13 -20.00 -0.21
N ALA B 311 -15.04 -19.30 -0.03
CA ALA B 311 -13.73 -19.97 -0.12
C ALA B 311 -13.47 -20.97 1.00
N SER B 312 -14.04 -20.72 2.18
CA SER B 312 -13.82 -21.58 3.33
C SER B 312 -14.40 -22.96 3.04
N LYS B 313 -15.33 -22.98 2.10
CA LYS B 313 -15.99 -24.26 1.76
C LYS B 313 -15.26 -25.05 0.69
N VAL B 314 -14.23 -24.47 0.04
CA VAL B 314 -13.57 -25.19 -1.01
C VAL B 314 -12.05 -25.27 -0.86
N LEU B 315 -11.47 -24.35 -0.08
CA LEU B 315 -9.99 -24.36 0.05
C LEU B 315 -9.59 -25.15 1.28
N SER B 316 -8.64 -26.04 1.10
CA SER B 316 -8.17 -26.88 2.22
C SER B 316 -7.13 -26.19 3.12
N GLY B 317 -6.97 -26.77 4.31
CA GLY B 317 -6.03 -26.25 5.30
C GLY B 317 -5.35 -27.38 6.02
N PRO B 318 -4.44 -27.10 6.94
CA PRO B 318 -3.69 -28.11 7.70
C PRO B 318 -4.53 -28.63 8.85
N GLN B 319 -4.06 -29.71 9.45
CA GLN B 319 -4.72 -30.30 10.63
C GLN B 319 -4.22 -29.60 11.93
N ALA B 320 -4.95 -29.82 13.03
CA ALA B 320 -4.60 -29.20 14.34
C ALA B 320 -3.22 -29.63 14.83
N GLN B 321 -2.60 -28.77 15.63
CA GLN B 321 -1.24 -29.00 16.13
C GLN B 321 -1.20 -28.58 17.60
N PRO B 322 -0.61 -29.42 18.46
CA PRO B 322 -0.52 -29.12 19.91
C PRO B 322 0.26 -27.82 20.17
N ALA B 323 -0.37 -26.90 20.91
CA ALA B 323 0.29 -25.64 21.23
C ALA B 323 1.27 -25.87 22.36
N GLY B 324 1.01 -26.92 23.16
CA GLY B 324 1.91 -27.25 24.25
C GLY B 324 1.45 -26.65 25.58
N ASP B 325 2.41 -26.47 26.47
CA ASP B 325 2.09 -25.92 27.76
C ASP B 325 1.32 -24.59 27.62
N LYS B 326 0.19 -24.45 28.32
CA LYS B 326 -0.64 -23.24 28.25
C LYS B 326 0.12 -21.96 28.68
N ALA B 327 0.75 -21.98 29.84
CA ALA B 327 1.48 -20.80 30.30
C ALA B 327 2.64 -20.46 29.35
N GLU B 328 3.34 -21.47 28.83
CA GLU B 328 4.46 -21.18 27.93
C GLU B 328 3.96 -20.52 26.66
N PHE B 329 2.82 -20.97 26.17
CA PHE B 329 2.32 -20.41 24.91
C PHE B 329 1.83 -18.99 25.12
N ILE B 330 1.09 -18.76 26.21
CA ILE B 330 0.62 -17.42 26.50
C ILE B 330 1.79 -16.43 26.60
N GLU B 331 2.89 -16.79 27.26
CA GLU B 331 4.02 -15.87 27.38
C GLU B 331 4.68 -15.65 26.00
N LYS B 332 4.78 -16.68 25.17
CA LYS B 332 5.37 -16.44 23.83
C LYS B 332 4.47 -15.47 23.02
N VAL B 333 3.15 -15.65 23.09
CA VAL B 333 2.27 -14.73 22.32
C VAL B 333 2.38 -13.34 22.91
N ARG B 334 2.50 -13.23 24.23
CA ARG B 334 2.65 -11.90 24.85
C ARG B 334 3.91 -11.17 24.35
N ARG B 335 5.02 -11.89 24.32
CA ARG B 335 6.30 -11.35 23.87
C ARG B 335 6.19 -11.01 22.37
N ALA B 336 5.55 -11.90 21.59
CA ALA B 336 5.39 -11.63 20.13
C ALA B 336 4.61 -10.35 19.95
N LEU B 337 3.54 -10.16 20.73
CA LEU B 337 2.71 -8.94 20.58
C LEU B 337 3.53 -7.69 20.91
N TYR B 338 4.28 -7.71 22.01
CA TYR B 338 5.04 -6.55 22.36
C TYR B 338 6.15 -6.21 21.36
N LEU B 339 6.86 -7.22 20.88
CA LEU B 339 7.91 -6.96 19.89
C LEU B 339 7.23 -6.52 18.57
N GLY B 340 6.09 -7.10 18.23
CA GLY B 340 5.37 -6.63 17.02
C GLY B 340 5.04 -5.14 17.15
N LYS B 341 4.56 -4.70 18.31
CA LYS B 341 4.27 -3.25 18.51
C LYS B 341 5.53 -2.43 18.30
N ILE B 342 6.66 -2.85 18.91
CA ILE B 342 7.89 -2.13 18.72
C ILE B 342 8.23 -2.00 17.22
N VAL B 343 8.11 -3.06 16.45
CA VAL B 343 8.41 -2.96 15.05
C VAL B 343 7.42 -2.01 14.40
N SER B 344 6.15 -2.09 14.71
CA SER B 344 5.21 -1.19 14.05
C SER B 344 5.53 0.28 14.31
N TYR B 345 5.77 0.63 15.59
CA TYR B 345 6.10 2.00 15.93
C TYR B 345 7.41 2.45 15.32
N ALA B 346 8.40 1.55 15.21
CA ALA B 346 9.67 1.93 14.61
C ALA B 346 9.40 2.30 13.16
N GLN B 347 8.56 1.51 12.49
CA GLN B 347 8.21 1.85 11.11
C GLN B 347 7.44 3.18 11.03
N GLY B 348 6.49 3.36 11.92
CA GLY B 348 5.66 4.58 11.90
C GLY B 348 6.50 5.80 12.15
N PHE B 349 7.36 5.74 13.18
CA PHE B 349 8.21 6.93 13.41
C PHE B 349 9.26 7.18 12.35
N SER B 350 9.75 6.12 11.70
CA SER B 350 10.65 6.36 10.56
C SER B 350 9.89 7.09 9.47
N GLN B 351 8.59 6.78 9.30
CA GLN B 351 7.84 7.43 8.25
C GLN B 351 7.60 8.89 8.62
N LEU B 352 7.39 9.19 9.92
CA LEU B 352 7.24 10.60 10.31
C LEU B 352 8.52 11.38 9.96
N ARG B 353 9.70 10.80 10.12
CA ARG B 353 10.96 11.53 9.76
C ARG B 353 10.99 11.67 8.25
N ALA B 354 10.63 10.63 7.47
CA ALA B 354 10.69 10.78 5.99
C ALA B 354 9.71 11.86 5.54
N ALA B 355 8.54 11.93 6.18
CA ALA B 355 7.54 12.92 5.76
C ALA B 355 8.01 14.32 6.17
N SER B 356 8.60 14.43 7.35
CA SER B 356 9.11 15.69 7.85
C SER B 356 10.14 16.25 6.87
N GLU B 357 11.00 15.37 6.36
CA GLU B 357 12.01 15.80 5.41
C GLU B 357 11.42 16.20 4.09
N GLU B 358 10.45 15.46 3.60
CA GLU B 358 9.86 15.74 2.32
C GLU B 358 9.02 17.04 2.35
N TYR B 359 8.24 17.22 3.41
CA TYR B 359 7.32 18.38 3.50
C TYR B 359 7.83 19.57 4.32
N ASN B 360 9.11 19.49 4.74
CA ASN B 360 9.85 20.53 5.43
C ASN B 360 9.18 20.96 6.73
N TRP B 361 8.95 19.99 7.59
CA TRP B 361 8.26 20.30 8.85
C TRP B 361 9.12 20.35 10.11
N ASP B 362 10.35 19.85 10.04
CA ASP B 362 11.25 19.78 11.22
C ASP B 362 10.47 19.22 12.43
N LEU B 363 9.82 18.06 12.21
CA LEU B 363 9.02 17.48 13.30
C LEU B 363 9.88 17.16 14.55
N ASN B 364 9.26 17.24 15.71
CA ASN B 364 9.93 16.92 16.95
C ASN B 364 9.31 15.59 17.41
N TYR B 365 10.02 14.50 17.12
CA TYR B 365 9.46 13.16 17.35
C TYR B 365 9.21 12.87 18.83
N GLY B 366 10.11 13.30 19.70
CA GLY B 366 9.88 13.12 21.13
C GLY B 366 8.67 13.87 21.64
N GLU B 367 8.45 15.08 21.12
CA GLU B 367 7.27 15.84 21.51
C GLU B 367 5.97 15.18 21.01
N ILE B 368 6.05 14.57 19.83
CA ILE B 368 4.87 13.84 19.33
C ILE B 368 4.55 12.63 20.20
N ALA B 369 5.57 11.85 20.53
CA ALA B 369 5.32 10.74 21.42
C ALA B 369 4.79 11.23 22.78
N LYS B 370 5.28 12.37 23.26
CA LYS B 370 4.81 12.84 24.56
C LYS B 370 3.33 13.15 24.57
N ILE B 371 2.84 13.74 23.46
CA ILE B 371 1.40 14.07 23.48
C ILE B 371 0.51 12.87 23.25
N PHE B 372 1.11 11.70 22.93
CA PHE B 372 0.37 10.46 22.76
C PHE B 372 0.37 9.61 24.08
N ARG B 373 1.00 10.16 25.13
CA ARG B 373 1.02 9.43 26.43
C ARG B 373 -0.33 9.32 27.10
N ALA B 374 -1.21 10.27 26.80
CA ALA B 374 -2.59 10.23 27.32
C ALA B 374 -3.52 10.80 26.22
N GLY B 375 -4.82 10.77 26.45
CA GLY B 375 -5.79 11.28 25.47
C GLY B 375 -6.10 10.37 24.31
N CYS B 376 -5.11 10.18 23.42
CA CYS B 376 -5.33 9.41 22.22
C CYS B 376 -5.61 7.94 22.40
N ILE B 377 -6.03 7.33 21.32
CA ILE B 377 -6.36 5.91 21.37
C ILE B 377 -5.16 5.02 21.64
N ILE B 378 -3.99 5.38 21.11
CA ILE B 378 -2.83 4.51 21.32
C ILE B 378 -2.11 4.76 22.63
N ARG B 379 -2.70 5.56 23.55
CA ARG B 379 -2.05 5.90 24.78
C ARG B 379 -1.63 4.67 25.55
N ALA B 380 -0.48 4.78 26.19
CA ALA B 380 0.15 3.63 26.88
C ALA B 380 1.47 4.15 27.45
N GLN B 381 1.96 3.52 28.52
CA GLN B 381 3.26 3.95 29.09
C GLN B 381 4.34 3.69 28.04
N PHE B 382 4.07 2.81 27.11
CA PHE B 382 4.96 2.51 25.98
C PHE B 382 5.42 3.82 25.32
N LEU B 383 4.54 4.81 25.19
CA LEU B 383 4.96 6.06 24.52
C LEU B 383 6.04 6.80 25.26
N GLN B 384 6.15 6.58 26.58
CA GLN B 384 7.22 7.16 27.34
C GLN B 384 8.58 6.54 26.94
N LYS B 385 8.61 5.22 26.65
CA LYS B 385 9.87 4.60 26.23
C LYS B 385 10.36 5.29 24.91
N ILE B 386 9.40 5.66 24.05
CA ILE B 386 9.76 6.29 22.80
C ILE B 386 10.20 7.72 23.06
N THR B 387 9.47 8.48 23.91
CA THR B 387 9.90 9.81 24.25
C THR B 387 11.34 9.79 24.77
N ASP B 388 11.63 8.82 25.65
CA ASP B 388 12.97 8.76 26.22
C ASP B 388 14.04 8.46 25.19
N ALA B 389 13.73 7.59 24.21
CA ALA B 389 14.70 7.29 23.18
C ALA B 389 15.10 8.51 22.36
N TYR B 390 14.10 9.34 22.02
CA TYR B 390 14.41 10.55 21.27
C TYR B 390 15.08 11.60 22.16
N ALA B 391 14.78 11.59 23.45
CA ALA B 391 15.42 12.56 24.37
C ALA B 391 16.92 12.26 24.39
N GLU B 392 17.29 10.99 24.39
CA GLU B 392 18.68 10.61 24.38
C GLU B 392 19.37 10.80 23.01
N ASN B 393 18.61 10.63 21.92
CA ASN B 393 19.18 10.73 20.61
C ASN B 393 18.09 11.24 19.67
N PRO B 394 17.90 12.57 19.60
CA PRO B 394 16.83 13.11 18.74
C PRO B 394 16.90 12.70 17.28
N GLN B 395 18.09 12.43 16.79
CA GLN B 395 18.31 12.07 15.38
C GLN B 395 18.31 10.59 15.07
N ILE B 396 17.94 9.78 16.06
CA ILE B 396 17.99 8.35 15.87
C ILE B 396 17.22 7.94 14.59
N ALA B 397 17.85 7.08 13.78
CA ALA B 397 17.18 6.74 12.53
C ALA B 397 15.99 5.82 12.66
N ASN B 398 16.02 5.00 13.68
CA ASN B 398 15.00 3.99 13.84
C ASN B 398 15.01 3.52 15.31
N LEU B 399 13.82 3.41 15.89
CA LEU B 399 13.69 3.04 17.31
C LEU B 399 14.30 1.70 17.66
N LEU B 400 14.42 0.81 16.67
CA LEU B 400 15.04 -0.50 16.97
C LEU B 400 16.49 -0.37 17.45
N LEU B 401 17.12 0.72 17.12
CA LEU B 401 18.51 0.89 17.54
C LEU B 401 18.62 1.45 18.95
N ALA B 402 17.54 1.96 19.52
CA ALA B 402 17.64 2.56 20.88
C ALA B 402 17.87 1.39 21.86
N PRO B 403 18.75 1.55 22.86
CA PRO B 403 19.01 0.44 23.77
C PRO B 403 17.85 -0.31 24.32
N TYR B 404 16.83 0.40 24.81
CA TYR B 404 15.70 -0.27 25.39
C TYR B 404 15.06 -1.22 24.38
N PHE B 405 14.80 -0.70 23.18
CA PHE B 405 14.12 -1.53 22.18
C PHE B 405 14.97 -2.64 21.60
N LYS B 406 16.22 -2.32 21.40
CA LYS B 406 17.15 -3.30 20.89
C LYS B 406 17.22 -4.51 21.86
N GLN B 407 17.24 -4.22 23.18
CA GLN B 407 17.34 -5.32 24.10
C GLN B 407 16.04 -6.10 24.19
N ILE B 408 14.88 -5.43 24.05
CA ILE B 408 13.63 -6.22 24.01
C ILE B 408 13.70 -7.14 22.76
N ALA B 409 14.19 -6.63 21.63
CA ALA B 409 14.26 -7.50 20.46
C ALA B 409 15.20 -8.68 20.71
N ASP B 410 16.32 -8.41 21.38
CA ASP B 410 17.24 -9.51 21.72
C ASP B 410 16.49 -10.57 22.54
N ASP B 411 15.73 -10.11 23.52
CA ASP B 411 15.04 -11.05 24.43
C ASP B 411 13.83 -11.76 23.91
N TYR B 412 13.07 -11.06 23.05
CA TYR B 412 11.77 -11.54 22.61
C TYR B 412 11.68 -12.04 21.18
N GLN B 413 12.71 -11.86 20.37
CA GLN B 413 12.58 -12.33 18.97
C GLN B 413 12.40 -13.82 18.87
N GLN B 414 12.99 -14.61 19.75
CA GLN B 414 12.75 -16.08 19.63
C GLN B 414 11.30 -16.44 19.86
N ALA B 415 10.64 -15.78 20.82
CA ALA B 415 9.21 -16.05 21.06
C ALA B 415 8.40 -15.66 19.81
N LEU B 416 8.71 -14.49 19.24
CA LEU B 416 8.03 -14.06 18.00
C LEU B 416 8.24 -15.10 16.90
N ARG B 417 9.48 -15.57 16.66
CA ARG B 417 9.74 -16.59 15.63
C ARG B 417 8.95 -17.89 15.91
N ASP B 418 8.91 -18.28 17.18
CA ASP B 418 8.17 -19.49 17.54
C ASP B 418 6.71 -19.36 17.27
N VAL B 419 6.13 -18.21 17.59
CA VAL B 419 4.72 -17.98 17.40
C VAL B 419 4.37 -17.94 15.93
N VAL B 420 5.18 -17.26 15.11
CA VAL B 420 4.90 -17.21 13.70
C VAL B 420 5.04 -18.63 13.07
N ALA B 421 6.10 -19.38 13.43
CA ALA B 421 6.22 -20.74 12.89
C ALA B 421 5.03 -21.63 13.27
N TYR B 422 4.58 -21.51 14.52
CA TYR B 422 3.46 -22.30 14.96
C TYR B 422 2.18 -21.90 14.22
N ALA B 423 1.88 -20.60 14.15
CA ALA B 423 0.70 -20.16 13.44
C ALA B 423 0.68 -20.63 11.95
N VAL B 424 1.81 -20.47 11.25
CA VAL B 424 1.87 -20.90 9.86
C VAL B 424 1.67 -22.40 9.71
N GLN B 425 2.15 -23.16 10.70
CA GLN B 425 1.96 -24.60 10.58
C GLN B 425 0.54 -25.03 10.82
N ILE B 426 -0.20 -24.31 11.70
CA ILE B 426 -1.56 -24.74 11.98
C ILE B 426 -2.62 -24.00 11.19
N GLY B 427 -2.17 -22.98 10.42
CA GLY B 427 -3.13 -22.28 9.56
C GLY B 427 -3.82 -21.02 10.10
N ILE B 428 -3.33 -20.44 11.20
CA ILE B 428 -3.95 -19.22 11.75
C ILE B 428 -3.19 -18.07 11.07
N PRO B 429 -3.93 -17.18 10.39
CA PRO B 429 -3.20 -16.09 9.72
C PRO B 429 -2.59 -15.10 10.65
N VAL B 430 -1.31 -14.77 10.43
CA VAL B 430 -0.63 -13.80 11.31
C VAL B 430 0.08 -12.77 10.39
N PRO B 431 -0.69 -11.99 9.64
CA PRO B 431 -0.02 -11.03 8.74
C PRO B 431 0.93 -10.06 9.38
N THR B 432 0.55 -9.47 10.51
CA THR B 432 1.44 -8.48 11.13
C THR B 432 2.55 -9.10 11.98
N PHE B 433 2.29 -10.24 12.65
CA PHE B 433 3.43 -10.87 13.36
C PHE B 433 4.45 -11.34 12.34
N SER B 434 4.00 -11.85 11.20
CA SER B 434 4.98 -12.33 10.23
C SER B 434 5.61 -11.13 9.52
N ALA B 435 4.90 -10.02 9.29
CA ALA B 435 5.59 -8.85 8.71
C ALA B 435 6.61 -8.35 9.72
N ALA B 436 6.36 -8.46 11.00
CA ALA B 436 7.34 -7.97 11.97
C ALA B 436 8.65 -8.75 11.87
N VAL B 437 8.54 -10.07 11.75
CA VAL B 437 9.80 -10.88 11.62
C VAL B 437 10.52 -10.54 10.31
N ALA B 438 9.76 -10.43 9.20
CA ALA B 438 10.41 -10.15 7.94
C ALA B 438 11.08 -8.78 7.96
N TYR B 439 10.48 -7.82 8.68
CA TYR B 439 11.07 -6.52 8.67
C TYR B 439 12.31 -6.51 9.56
N TYR B 440 12.21 -7.15 10.74
CA TYR B 440 13.37 -7.19 11.63
C TYR B 440 14.58 -7.85 10.90
N ASP B 441 14.30 -8.97 10.24
CA ASP B 441 15.38 -9.69 9.54
C ASP B 441 15.88 -9.03 8.26
N SER B 442 15.09 -8.11 7.69
CA SER B 442 15.58 -7.35 6.53
C SER B 442 16.30 -6.07 7.00
N TYR B 443 15.76 -5.39 8.02
CA TYR B 443 16.40 -4.13 8.47
C TYR B 443 17.81 -4.41 9.03
N ARG B 444 17.98 -5.58 9.62
CA ARG B 444 19.33 -5.88 10.17
C ARG B 444 20.25 -6.57 9.20
N ALA B 445 19.82 -6.77 7.97
CA ALA B 445 20.62 -7.51 6.98
C ALA B 445 21.50 -6.57 6.20
N ALA B 446 22.84 -6.73 6.30
CA ALA B 446 23.72 -5.84 5.58
C ALA B 446 23.60 -6.11 4.08
N VAL B 447 23.27 -7.35 3.72
CA VAL B 447 23.11 -7.70 2.31
C VAL B 447 21.79 -8.48 2.11
N LEU B 448 21.02 -8.03 1.13
CA LEU B 448 19.72 -8.66 0.79
C LEU B 448 19.83 -9.15 -0.65
N PRO B 449 18.86 -9.99 -1.10
CA PRO B 449 18.93 -10.52 -2.46
C PRO B 449 18.52 -9.55 -3.53
N ALA B 450 18.49 -8.24 -3.19
CA ALA B 450 18.18 -7.26 -4.21
C ALA B 450 19.31 -7.14 -5.26
N ASN B 451 20.48 -7.72 -4.98
CA ASN B 451 21.51 -7.78 -6.05
C ASN B 451 20.92 -8.57 -7.23
N LEU B 452 20.18 -9.68 -6.97
CA LEU B 452 19.61 -10.43 -8.09
C LEU B 452 18.52 -9.63 -8.77
N ILE B 453 17.70 -8.88 -8.01
CA ILE B 453 16.68 -8.07 -8.63
C ILE B 453 17.33 -7.03 -9.55
N GLN B 454 18.42 -6.42 -9.10
CA GLN B 454 19.09 -5.40 -9.93
C GLN B 454 19.67 -6.05 -11.20
N ALA B 455 20.17 -7.28 -11.07
CA ALA B 455 20.73 -7.98 -12.28
C ALA B 455 19.60 -8.27 -13.25
N GLN B 456 18.46 -8.78 -12.76
CA GLN B 456 17.30 -9.06 -13.62
C GLN B 456 16.82 -7.81 -14.36
N ARG B 457 16.71 -6.69 -13.63
CA ARG B 457 16.29 -5.41 -14.23
C ARG B 457 17.29 -4.95 -15.30
N ASP B 458 18.59 -5.20 -15.09
CA ASP B 458 19.58 -4.79 -16.12
C ASP B 458 19.43 -5.72 -17.33
N TYR B 459 19.23 -7.01 -17.07
CA TYR B 459 19.09 -7.97 -18.16
C TYR B 459 17.86 -7.65 -19.03
N PHE B 460 16.67 -7.58 -18.45
CA PHE B 460 15.47 -7.42 -19.29
C PHE B 460 15.15 -5.98 -19.65
N GLY B 461 15.63 -5.00 -18.88
CA GLY B 461 15.28 -3.64 -19.20
C GLY B 461 16.44 -2.66 -19.33
N ALA B 462 17.66 -3.18 -19.22
CA ALA B 462 18.88 -2.35 -19.34
C ALA B 462 18.87 -1.18 -18.36
N HIS B 463 18.37 -1.48 -17.17
CA HIS B 463 18.23 -0.45 -16.17
C HIS B 463 19.50 0.00 -15.47
N THR B 464 20.61 -0.73 -15.67
CA THR B 464 21.95 -0.47 -15.15
C THR B 464 22.03 -0.73 -13.64
N TYR B 465 23.26 -0.91 -13.19
CA TYR B 465 23.42 -1.22 -11.76
C TYR B 465 24.73 -0.60 -11.28
N LYS B 466 24.88 -0.56 -9.95
CA LYS B 466 26.12 -0.05 -9.29
C LYS B 466 26.86 -1.26 -8.72
N ARG B 467 28.18 -1.13 -8.47
CA ARG B 467 28.99 -2.26 -7.99
C ARG B 467 29.53 -1.97 -6.60
N ILE B 468 29.91 -3.01 -5.87
CA ILE B 468 30.46 -2.84 -4.52
C ILE B 468 31.95 -2.58 -4.51
N ASP B 469 32.57 -2.64 -5.69
CA ASP B 469 34.04 -2.53 -5.72
C ASP B 469 34.62 -1.46 -6.61
N LYS B 470 33.76 -0.68 -7.24
CA LYS B 470 34.25 0.42 -8.07
C LYS B 470 33.13 1.40 -8.32
N GLU B 471 33.53 2.62 -8.62
CA GLU B 471 32.56 3.70 -8.88
C GLU B 471 31.95 3.59 -10.28
N GLY B 472 30.76 4.16 -10.40
CA GLY B 472 30.11 4.17 -11.70
C GLY B 472 28.82 3.41 -11.85
N VAL B 473 28.20 3.58 -13.02
CA VAL B 473 26.94 2.92 -13.40
C VAL B 473 27.37 1.94 -14.45
N PHE B 474 26.77 0.75 -14.44
CA PHE B 474 27.19 -0.32 -15.33
C PHE B 474 26.03 -0.99 -15.99
N HIS B 475 26.28 -1.57 -17.17
CA HIS B 475 25.23 -2.29 -17.91
C HIS B 475 25.96 -3.47 -18.52
N THR B 476 25.43 -4.65 -18.38
CA THR B 476 26.07 -5.87 -18.86
C THR B 476 25.27 -6.57 -19.97
N GLU B 477 25.98 -7.35 -20.79
CA GLU B 477 25.35 -8.14 -21.87
C GLU B 477 25.37 -9.50 -21.19
N TRP B 478 24.30 -9.84 -20.49
CA TRP B 478 24.27 -11.10 -19.76
C TRP B 478 24.20 -12.25 -20.74
N LEU B 479 23.73 -11.90 -21.94
CA LEU B 479 23.53 -12.78 -23.07
C LEU B 479 24.89 -13.30 -23.56
N ASP B 480 25.66 -12.43 -24.23
CA ASP B 480 26.98 -12.81 -24.70
C ASP B 480 27.99 -12.59 -23.55
C1 6PG C . 8.22 -4.47 -19.13
C2 6PG C . 9.00 -3.90 -17.96
C3 6PG C . 9.22 -2.42 -18.31
C4 6PG C . 10.38 -1.71 -17.58
C5 6PG C . 10.02 -1.22 -16.15
C6 6PG C . 10.36 -2.23 -15.02
O1A 6PG C . 7.06 -4.86 -18.99
O1 6PG C . 8.82 -4.52 -20.29
O2 6PG C . 8.16 -4.12 -16.80
O3 6PG C . 8.00 -1.67 -18.16
O4 6PG C . 11.62 -2.52 -17.62
O5 6PG C . 10.78 0.01 -15.90
O6 6PG C . 9.72 -1.71 -13.82
P 6PG C . 10.80 -1.04 -12.78
O1P 6PG C . 11.80 -0.20 -13.52
O2P 6PG C . 9.89 -0.14 -11.85
O3P 6PG C . 11.59 -2.25 -11.99
PB ATR D . -20.38 9.26 10.80
O1B ATR D . -20.36 9.54 12.38
O2B ATR D . -21.52 8.33 10.43
O3B ATR D . -18.97 8.86 10.43
PA ATR D . -20.36 11.47 8.74
O1A ATR D . -18.91 11.22 8.49
O2A ATR D . -21.37 11.05 7.72
O3A ATR D . -20.66 10.73 10.15
O5' ATR D . -20.47 13.04 9.12
C5' ATR D . -19.73 13.61 10.27
C4' ATR D . -20.15 15.04 10.40
O4' ATR D . -19.88 15.73 9.14
C3' ATR D . -21.66 15.16 10.60
O3' ATR D . -21.87 16.17 11.61
C2' ATR D . -22.13 15.62 9.26
O2' ATR D . -23.36 16.33 9.27
P2' ATR D . -24.83 15.64 9.23
O1P ATR D . -25.72 16.73 8.66
O2P ATR D . -24.62 14.45 8.22
O3P ATR D . -25.10 15.15 10.58
C1' ATR D . -21.01 16.50 8.81
N9 ATR D . -21.08 16.79 7.39
C8 ATR D . -20.96 15.89 6.32
N7 ATR D . -21.10 16.49 5.16
C5 ATR D . -21.33 17.80 5.46
C6 ATR D . -21.57 18.93 4.63
N6 ATR D . -21.62 18.87 3.28
N1 ATR D . -21.74 20.12 5.28
C2 ATR D . -21.72 20.23 6.63
N3 ATR D . -21.52 19.22 7.51
C4 ATR D . -21.32 17.99 6.84
C1 6PG E . -9.06 8.69 17.31
C2 6PG E . -9.77 7.77 16.42
C3 6PG E . -10.84 8.59 15.68
C4 6PG E . -11.90 7.76 14.89
C5 6PG E . -11.49 7.07 13.58
C6 6PG E . -10.94 5.61 13.75
O1A 6PG E . -7.90 8.97 17.12
O1 6PG E . -9.75 9.28 18.30
O2 6PG E . -8.94 7.29 15.52
O3 6PG E . -10.18 9.59 14.81
O4 6PG E . -12.53 6.81 15.79
O5 6PG E . -12.69 7.01 12.74
O6 6PG E . -10.50 5.22 12.44
P 6PG E . -11.36 4.21 11.52
O1P 6PG E . -11.21 4.58 10.21
O2P 6PG E . -11.67 2.99 12.17
O3P 6PG E . -12.86 4.71 11.58
#